data_8ZX3
#
_entry.id   8ZX3
#
_cell.length_a   47.544
_cell.length_b   86.367
_cell.length_c   86.888
_cell.angle_alpha   90.000
_cell.angle_beta   95.260
_cell.angle_gamma   90.000
#
_symmetry.space_group_name_H-M   'P 1 21 1'
#
loop_
_entity.id
_entity.type
_entity.pdbx_description
1 polymer 'Beta-1,3-galactosyltransferase 5'
2 branched 2-acetamido-2-deoxy-beta-D-glucopyranose-(1-4)-2-acetamido-2-deoxy-beta-D-glucopyranose
3 branched alpha-L-fucopyranose-(1-6)-2-acetamido-2-deoxy-beta-D-glucopyranose
4 branched alpha-D-mannopyranose-(1-3)-[alpha-D-mannopyranose-(1-6)]beta-D-mannopyranose-(1-4)-2-acetamido-2-deoxy-beta-D-glucopyranose-(1-4)-[alpha-L-fucopyranose-(1-6)]2-acetamido-2-deoxy-beta-D-glucopyranose
5 branched 2-acetamido-2-deoxy-beta-D-glucopyranose-(1-3)-2-acetamido-2-deoxy-beta-D-galactopyranose
6 non-polymer 'MANGANESE (II) ION'
7 non-polymer "URIDINE-5'-DIPHOSPHATE"
8 non-polymer 2-[3-(2-HYDROXY-1,1-DIHYDROXYMETHYL-ETHYLAMINO)-PROPYLAMINO]-2-HYDROXYMETHYL-PROPANE-1,3-DIOL
9 non-polymer DI(HYDROXYETHYL)ETHER
10 non-polymer THREONINE
11 water water
#
_entity_poly.entity_id   1
_entity_poly.type   'polypeptide(L)'
_entity_poly.pdbx_seq_one_letter_code
;FKEQSFVYKKDGNFLKLPDTDCRQTPPFLVLLVTSSHKQLAERMAIRQTWGKERMVKGKQLKTFFLLGTTSSAAETKEVD
QESQRHGDIIQKDFLDVYYNLTLKTMMGIEWVHRFCPQAAFVMKTDSDMFINVDYLTELLLKKNRTTRFFTGFLKLNEFP
IRQPFSKWFVSKSEYPWDRYPPFCSGTGYVFSGDVASQVYNVSKSVPYIKLEDVFVGLCLERLNIRLEELHSQPTFFPGG
LRFSVCLFRRIVACHFIKPRTLLDYWQALENSRGEDCP
;
_entity_poly.pdbx_strand_id   A,B
#
loop_
_chem_comp.id
_chem_comp.type
_chem_comp.name
_chem_comp.formula
B3P non-polymer 2-[3-(2-HYDROXY-1,1-DIHYDROXYMETHYL-ETHYLAMINO)-PROPYLAMINO]-2-HYDROXYMETHYL-PROPANE-1,3-DIOL 'C11 H26 N2 O6'
BMA D-saccharide, beta linking beta-D-mannopyranose 'C6 H12 O6'
FUC L-saccharide, alpha linking alpha-L-fucopyranose 'C6 H12 O5'
MAN D-saccharide, alpha linking alpha-D-mannopyranose 'C6 H12 O6'
MN non-polymer 'MANGANESE (II) ION' 'Mn 2'
NAG D-saccharide, beta linking 2-acetamido-2-deoxy-beta-D-glucopyranose 'C8 H15 N O6'
NGA D-saccharide, beta linking 2-acetamido-2-deoxy-beta-D-galactopyranose 'C8 H15 N O6'
PEG non-polymer DI(HYDROXYETHYL)ETHER 'C4 H10 O3'
UDP RNA linking URIDINE-5'-DIPHOSPHATE 'C9 H14 N2 O12 P2'
#
# COMPACT_ATOMS: atom_id res chain seq x y z
N GLY A 12 -12.33 9.24 2.69
CA GLY A 12 -12.21 9.38 4.15
C GLY A 12 -10.82 9.80 4.47
N ASN A 13 -10.08 10.26 3.46
CA ASN A 13 -8.74 10.81 3.74
C ASN A 13 -7.86 9.73 4.41
N PHE A 14 -8.03 8.47 4.01
CA PHE A 14 -7.15 7.41 4.56
C PHE A 14 -5.87 7.34 3.75
N LEU A 15 -4.73 7.47 4.41
CA LEU A 15 -3.43 7.37 3.72
C LEU A 15 -3.08 5.90 3.49
N LYS A 16 -3.50 5.02 4.39
CA LYS A 16 -3.23 3.58 4.24
C LYS A 16 -4.49 2.78 4.53
N LEU A 17 -4.70 1.73 3.78
CA LEU A 17 -5.92 0.91 3.92
C LEU A 17 -5.53 -0.55 3.74
N PRO A 18 -6.00 -1.47 4.62
CA PRO A 18 -5.71 -2.91 4.46
C PRO A 18 -6.40 -3.50 3.25
N ASP A 19 -5.72 -4.47 2.62
CA ASP A 19 -6.32 -5.22 1.51
C ASP A 19 -7.24 -6.27 2.09
N THR A 20 -8.52 -5.98 2.17
CA THR A 20 -9.47 -7.00 2.63
C THR A 20 -10.79 -6.70 2.01
N ASP A 21 -11.64 -7.72 1.91
CA ASP A 21 -12.99 -7.53 1.34
C ASP A 21 -13.99 -8.15 2.30
N CYS A 22 -14.49 -7.34 3.23
CA CYS A 22 -15.42 -7.87 4.24
C CYS A 22 -16.76 -8.23 3.58
N ARG A 23 -17.00 -7.71 2.38
CA ARG A 23 -18.24 -8.09 1.66
C ARG A 23 -18.09 -9.54 1.22
N GLN A 24 -16.96 -9.89 0.61
CA GLN A 24 -16.71 -11.29 0.17
C GLN A 24 -16.72 -12.21 1.39
N THR A 25 -15.74 -12.08 2.29
CA THR A 25 -15.70 -12.88 3.51
C THR A 25 -15.87 -12.01 4.74
N PRO A 26 -17.08 -11.85 5.24
CA PRO A 26 -17.27 -11.06 6.46
C PRO A 26 -16.49 -11.66 7.62
N PRO A 27 -15.56 -10.91 8.21
CA PRO A 27 -14.83 -11.46 9.35
C PRO A 27 -15.75 -11.61 10.53
N PHE A 28 -15.45 -12.57 11.37
CA PHE A 28 -16.23 -12.68 12.59
C PHE A 28 -15.74 -11.67 13.64
N LEU A 29 -14.42 -11.56 13.81
CA LEU A 29 -13.83 -10.65 14.79
C LEU A 29 -12.70 -9.86 14.14
N VAL A 30 -12.78 -8.53 14.26
CA VAL A 30 -11.75 -7.62 13.75
C VAL A 30 -11.07 -6.99 14.97
N LEU A 31 -9.76 -7.13 15.03
CA LEU A 31 -8.95 -6.50 16.10
C LEU A 31 -8.34 -5.18 15.58
N LEU A 32 -8.62 -4.09 16.26
CA LEU A 32 -8.01 -2.80 15.95
C LEU A 32 -7.04 -2.47 17.07
N VAL A 33 -5.76 -2.45 16.74
CA VAL A 33 -4.71 -2.28 17.78
C VAL A 33 -4.08 -0.87 17.73
N THR A 34 -4.14 -0.17 18.87
CA THR A 34 -3.53 1.16 19.00
C THR A 34 -2.07 1.00 19.39
N SER A 35 -1.18 1.69 18.69
CA SER A 35 0.27 1.67 18.96
C SER A 35 0.88 2.93 18.35
N SER A 36 1.86 3.52 19.01
CA SER A 36 2.56 4.64 18.38
C SER A 36 3.57 4.14 17.33
N HIS A 37 4.02 5.06 16.46
CA HIS A 37 5.01 4.71 15.43
C HIS A 37 6.22 3.96 15.96
N LYS A 38 6.74 4.36 17.12
CA LYS A 38 7.97 3.73 17.60
C LYS A 38 7.78 2.30 18.11
N GLN A 39 6.53 1.89 18.40
CA GLN A 39 6.29 0.56 19.02
C GLN A 39 6.25 -0.57 17.99
N LEU A 40 7.24 -0.63 17.10
CA LEU A 40 7.30 -1.77 16.18
C LEU A 40 7.44 -3.08 16.95
N ALA A 41 8.26 -3.10 18.00
CA ALA A 41 8.42 -4.34 18.77
C ALA A 41 7.07 -4.88 19.22
N GLU A 42 6.20 -3.99 19.71
CA GLU A 42 4.86 -4.40 20.19
C GLU A 42 4.08 -5.00 19.03
N ARG A 43 4.07 -4.31 17.89
CA ARG A 43 3.28 -4.82 16.79
C ARG A 43 3.76 -6.18 16.32
N MET A 44 5.09 -6.37 16.27
CA MET A 44 5.60 -7.67 15.84
C MET A 44 5.25 -8.76 16.83
N ALA A 45 5.38 -8.47 18.14
CA ALA A 45 4.99 -9.48 19.12
C ALA A 45 3.52 -9.83 18.93
N ILE A 46 2.66 -8.86 18.65
CA ILE A 46 1.21 -9.15 18.43
C ILE A 46 1.02 -9.98 17.14
N ARG A 47 1.70 -9.57 16.07
CA ARG A 47 1.58 -10.30 14.81
C ARG A 47 2.00 -11.77 14.98
N GLN A 48 2.94 -12.00 15.88
CA GLN A 48 3.44 -13.38 16.13
C GLN A 48 2.59 -14.12 17.20
N THR A 49 1.68 -13.43 17.88
CA THR A 49 0.87 -14.05 18.94
C THR A 49 -0.62 -13.93 18.66
N TRP A 50 -1.37 -13.23 19.51
CA TRP A 50 -2.85 -13.21 19.41
C TRP A 50 -3.36 -12.47 18.16
N GLY A 51 -2.52 -11.64 17.55
CA GLY A 51 -2.92 -10.93 16.33
C GLY A 51 -2.83 -11.76 15.07
N LYS A 52 -2.32 -13.00 15.17
CA LYS A 52 -2.12 -13.85 13.97
C LYS A 52 -3.48 -14.23 13.35
N GLU A 53 -3.67 -13.89 12.09
CA GLU A 53 -4.95 -14.13 11.47
C GLU A 53 -5.14 -15.63 11.24
N ARG A 54 -6.38 -16.10 11.40
CA ARG A 54 -6.67 -17.53 11.37
C ARG A 54 -8.16 -17.68 11.55
N MET A 55 -8.59 -18.91 11.30
CA MET A 55 -10.00 -19.27 11.60
C MET A 55 -9.99 -19.78 13.03
N VAL A 56 -10.94 -19.33 13.85
CA VAL A 56 -11.06 -19.65 15.26
C VAL A 56 -12.44 -20.29 15.37
N LYS A 57 -12.48 -21.62 15.53
CA LYS A 57 -13.72 -22.39 15.48
C LYS A 57 -14.48 -22.13 14.19
N GLY A 58 -13.75 -21.99 13.11
CA GLY A 58 -14.36 -21.73 11.82
C GLY A 58 -14.83 -20.31 11.60
N LYS A 59 -14.39 -19.35 12.43
CA LYS A 59 -14.74 -17.93 12.30
C LYS A 59 -13.49 -17.13 11.97
N GLN A 60 -13.61 -16.17 11.08
CA GLN A 60 -12.42 -15.46 10.62
C GLN A 60 -12.01 -14.35 11.58
N LEU A 61 -10.71 -14.34 11.89
CA LEU A 61 -10.11 -13.29 12.74
C LEU A 61 -9.22 -12.42 11.86
N LYS A 62 -9.42 -11.12 11.92
CA LYS A 62 -8.55 -10.18 11.18
C LYS A 62 -7.90 -9.19 12.16
N THR A 63 -6.69 -8.70 11.84
CA THR A 63 -5.98 -7.81 12.76
C THR A 63 -5.36 -6.64 12.03
N PHE A 64 -5.66 -5.43 12.50
CA PHE A 64 -5.09 -4.22 11.89
C PHE A 64 -4.54 -3.29 12.97
N PHE A 65 -3.57 -2.47 12.60
CA PHE A 65 -2.92 -1.52 13.54
C PHE A 65 -3.32 -0.11 13.15
N LEU A 66 -3.75 0.66 14.14
CA LEU A 66 -4.16 2.06 13.90
C LEU A 66 -2.93 2.95 14.10
N LEU A 67 -2.69 3.79 13.12
CA LEU A 67 -1.57 4.75 13.24
C LEU A 67 -1.96 6.10 12.63
N GLY A 68 -1.42 7.16 13.19
CA GLY A 68 -1.58 8.48 12.56
C GLY A 68 -0.28 8.82 11.84
N THR A 69 0.12 10.08 11.90
CA THR A 69 1.35 10.52 11.27
C THR A 69 2.25 11.11 12.33
N THR A 70 3.51 11.31 11.95
CA THR A 70 4.50 11.91 12.82
C THR A 70 5.36 12.84 12.00
N SER A 71 5.97 13.82 12.67
CA SER A 71 6.86 14.72 11.94
C SER A 71 8.16 14.02 11.55
N SER A 72 8.64 13.11 12.41
CA SER A 72 9.88 12.35 12.18
C SER A 72 9.89 11.69 10.81
N ALA A 73 10.86 12.08 9.98
CA ALA A 73 10.99 11.47 8.66
C ALA A 73 11.42 10.01 8.75
N ALA A 74 12.26 9.69 9.74
CA ALA A 74 12.68 8.30 9.94
C ALA A 74 11.50 7.40 10.26
N GLU A 75 10.73 7.76 11.28
CA GLU A 75 9.56 6.95 11.63
C GLU A 75 8.59 6.89 10.46
N THR A 76 8.47 7.97 9.70
CA THR A 76 7.55 7.94 8.57
C THR A 76 7.99 6.88 7.58
N LYS A 77 9.27 6.82 7.31
CA LYS A 77 9.74 5.87 6.28
C LYS A 77 9.59 4.45 6.83
N GLU A 78 9.93 4.22 8.09
CA GLU A 78 9.87 2.84 8.62
C GLU A 78 8.42 2.35 8.60
N VAL A 79 7.49 3.24 8.96
CA VAL A 79 6.09 2.82 8.94
C VAL A 79 5.61 2.61 7.51
N ASP A 80 6.14 3.39 6.56
CA ASP A 80 5.78 3.13 5.15
C ASP A 80 6.22 1.73 4.75
N GLN A 81 7.47 1.36 5.10
CA GLN A 81 7.98 0.03 4.81
C GLN A 81 7.21 -1.05 5.55
N GLU A 82 6.77 -0.77 6.78
CA GLU A 82 5.97 -1.76 7.52
C GLU A 82 4.63 -2.01 6.82
N SER A 83 3.94 -0.95 6.38
CA SER A 83 2.66 -1.12 5.65
C SER A 83 2.89 -1.95 4.39
N GLN A 84 3.96 -1.63 3.68
CA GLN A 84 4.29 -2.37 2.44
C GLN A 84 4.50 -3.86 2.75
N ARG A 85 5.27 -4.16 3.78
CA ARG A 85 5.59 -5.58 4.08
C ARG A 85 4.40 -6.32 4.68
N HIS A 86 3.59 -5.68 5.54
CA HIS A 86 2.49 -6.42 6.24
C HIS A 86 1.07 -6.12 5.70
N GLY A 87 0.84 -4.94 5.15
CA GLY A 87 -0.50 -4.59 4.61
C GLY A 87 -1.61 -4.61 5.63
N ASP A 88 -1.32 -4.26 6.89
CA ASP A 88 -2.33 -4.40 7.97
C ASP A 88 -2.46 -3.09 8.76
N ILE A 89 -2.04 -1.98 8.16
CA ILE A 89 -2.08 -0.68 8.88
C ILE A 89 -3.21 0.21 8.36
N ILE A 90 -3.98 0.76 9.27
CA ILE A 90 -5.02 1.77 8.92
C ILE A 90 -4.42 3.13 9.35
N GLN A 91 -4.27 4.05 8.40
CA GLN A 91 -3.63 5.34 8.72
C GLN A 91 -4.43 6.54 8.18
N LYS A 92 -4.38 7.64 8.91
CA LYS A 92 -5.01 8.90 8.48
C LYS A 92 -4.04 9.98 8.92
N ASP A 93 -4.12 11.16 8.31
CA ASP A 93 -3.10 12.20 8.59
C ASP A 93 -3.46 12.96 9.85
N PHE A 94 -3.04 12.44 10.99
CA PHE A 94 -3.26 13.18 12.25
C PHE A 94 -2.02 12.93 13.10
N LEU A 95 -1.64 13.94 13.86
CA LEU A 95 -0.41 13.83 14.68
C LEU A 95 -0.64 12.73 15.73
N ASP A 96 0.05 11.62 15.58
CA ASP A 96 -0.10 10.46 16.48
C ASP A 96 0.54 10.76 17.83
N VAL A 97 -0.24 11.30 18.76
CA VAL A 97 0.25 11.64 20.12
C VAL A 97 -0.79 11.18 21.16
N TYR A 98 -0.39 11.07 22.43
CA TYR A 98 -1.29 10.54 23.48
C TYR A 98 -2.62 11.32 23.47
N TYR A 99 -2.59 12.65 23.34
CA TYR A 99 -3.85 13.45 23.43
C TYR A 99 -4.59 13.48 22.08
N ASN A 100 -4.18 12.65 21.11
CA ASN A 100 -4.92 12.47 19.83
C ASN A 100 -5.49 11.04 19.73
N LEU A 101 -5.46 10.29 20.84
CA LEU A 101 -5.99 8.90 20.85
C LEU A 101 -7.49 8.88 20.49
N THR A 102 -8.24 9.91 20.83
CA THR A 102 -9.67 9.95 20.42
C THR A 102 -9.76 9.93 18.88
N LEU A 103 -8.94 10.73 18.18
CA LEU A 103 -8.91 10.69 16.69
C LEU A 103 -8.56 9.27 16.19
N LYS A 104 -7.58 8.63 16.83
CA LYS A 104 -7.14 7.30 16.36
C LYS A 104 -8.32 6.32 16.48
N THR A 105 -8.99 6.32 17.63
CA THR A 105 -10.10 5.39 17.84
C THR A 105 -11.20 5.69 16.83
N MET A 106 -11.49 6.97 16.63
CA MET A 106 -12.57 7.34 15.67
C MET A 106 -12.13 6.93 14.23
N MET A 107 -10.83 6.92 13.94
CA MET A 107 -10.31 6.42 12.64
C MET A 107 -10.70 4.94 12.47
N GLY A 108 -10.42 4.12 13.49
CA GLY A 108 -10.78 2.68 13.44
C GLY A 108 -12.26 2.50 13.24
N ILE A 109 -13.06 3.22 14.02
CA ILE A 109 -14.53 3.09 13.94
C ILE A 109 -14.97 3.52 12.52
N GLU A 110 -14.42 4.63 12.05
CA GLU A 110 -14.69 5.09 10.67
C GLU A 110 -14.36 3.96 9.68
N TRP A 111 -13.22 3.30 9.88
CA TRP A 111 -12.77 2.25 8.93
C TRP A 111 -13.80 1.13 8.91
N VAL A 112 -14.22 0.69 10.07
CA VAL A 112 -15.26 -0.38 10.15
C VAL A 112 -16.50 0.08 9.41
N HIS A 113 -16.89 1.33 9.61
CA HIS A 113 -18.15 1.83 9.00
C HIS A 113 -18.03 1.86 7.49
N ARG A 114 -16.93 2.41 6.98
CA ARG A 114 -16.77 2.61 5.52
C ARG A 114 -16.34 1.33 4.77
N PHE A 115 -15.53 0.47 5.40
CA PHE A 115 -14.95 -0.69 4.68
C PHE A 115 -15.27 -2.06 5.30
N CYS A 116 -15.86 -2.15 6.50
CA CYS A 116 -16.07 -3.47 7.06
C CYS A 116 -17.33 -3.48 7.92
N PRO A 117 -18.43 -2.88 7.43
CA PRO A 117 -19.66 -2.88 8.23
C PRO A 117 -20.20 -4.28 8.45
N GLN A 118 -19.67 -5.25 7.71
CA GLN A 118 -20.10 -6.67 7.84
C GLN A 118 -19.46 -7.39 9.06
N ALA A 119 -18.40 -6.84 9.66
CA ALA A 119 -17.84 -7.48 10.86
C ALA A 119 -18.91 -7.77 11.89
N ALA A 120 -18.96 -9.02 12.34
CA ALA A 120 -19.90 -9.34 13.44
C ALA A 120 -19.44 -8.62 14.71
N PHE A 121 -18.15 -8.73 15.00
CA PHE A 121 -17.63 -8.10 16.25
C PHE A 121 -16.31 -7.37 15.98
N VAL A 122 -16.10 -6.31 16.75
CA VAL A 122 -14.84 -5.55 16.66
C VAL A 122 -14.28 -5.33 18.07
N MET A 123 -13.00 -5.56 18.23
CA MET A 123 -12.34 -5.29 19.51
C MET A 123 -11.29 -4.19 19.31
N LYS A 124 -11.43 -3.07 20.03
CA LYS A 124 -10.37 -2.04 20.04
C LYS A 124 -9.45 -2.38 21.23
N THR A 125 -8.14 -2.47 20.98
CA THR A 125 -7.21 -2.88 22.04
C THR A 125 -5.92 -2.07 22.06
N ASP A 126 -5.28 -2.07 23.20
CA ASP A 126 -3.95 -1.42 23.29
C ASP A 126 -2.89 -2.46 22.90
N SER A 127 -1.64 -2.04 22.93
CA SER A 127 -0.52 -2.90 22.47
C SER A 127 0.10 -3.70 23.62
N ASP A 128 0.03 -3.19 24.85
CA ASP A 128 0.65 -3.87 26.04
C ASP A 128 -0.39 -4.81 26.62
N MET A 129 -0.87 -5.69 25.76
CA MET A 129 -2.01 -6.54 26.18
C MET A 129 -1.85 -7.99 25.76
N PHE A 130 -2.54 -8.86 26.50
CA PHE A 130 -2.65 -10.28 26.10
C PHE A 130 -4.16 -10.48 25.78
N ILE A 131 -4.49 -10.97 24.60
CA ILE A 131 -5.90 -11.24 24.22
C ILE A 131 -6.09 -12.74 23.93
N ASN A 132 -7.07 -13.35 24.57
CA ASN A 132 -7.43 -14.76 24.28
C ASN A 132 -8.64 -14.73 23.32
N VAL A 133 -8.36 -14.73 22.03
CA VAL A 133 -9.43 -14.67 20.99
C VAL A 133 -10.28 -15.96 21.02
N ASP A 134 -9.64 -17.07 21.38
CA ASP A 134 -10.35 -18.37 21.43
C ASP A 134 -11.47 -18.28 22.46
N TYR A 135 -11.14 -17.86 23.68
CA TYR A 135 -12.16 -17.77 24.75
C TYR A 135 -13.17 -16.65 24.41
N LEU A 136 -12.68 -15.52 23.88
CA LEU A 136 -13.58 -14.39 23.52
C LEU A 136 -14.59 -14.90 22.48
N THR A 137 -14.10 -15.58 21.46
CA THR A 137 -14.99 -16.12 20.40
C THR A 137 -16.04 -17.00 21.04
N GLU A 138 -15.61 -17.89 21.94
CA GLU A 138 -16.54 -18.81 22.62
C GLU A 138 -17.61 -18.04 23.40
N LEU A 139 -17.22 -17.02 24.16
CA LEU A 139 -18.20 -16.28 25.00
C LEU A 139 -19.14 -15.44 24.11
N LEU A 140 -18.64 -14.99 22.96
CA LEU A 140 -19.46 -14.18 22.03
C LEU A 140 -20.54 -15.08 21.40
N LEU A 141 -20.15 -16.27 20.96
CA LEU A 141 -21.08 -17.22 20.30
C LEU A 141 -22.15 -17.67 21.31
N LYS A 142 -21.90 -17.50 22.60
CA LYS A 142 -22.90 -17.84 23.63
C LYS A 142 -23.77 -16.64 24.02
N LYS A 143 -23.28 -15.41 23.83
CA LYS A 143 -24.02 -14.22 24.33
C LYS A 143 -25.35 -14.07 23.59
N ASN A 144 -25.46 -14.58 22.36
CA ASN A 144 -26.68 -14.35 21.53
C ASN A 144 -26.95 -12.84 21.45
N ARG A 145 -25.91 -12.01 21.57
CA ARG A 145 -26.05 -10.52 21.44
C ARG A 145 -25.31 -10.11 20.18
N THR A 146 -26.02 -9.81 19.09
CA THR A 146 -25.43 -9.53 17.78
C THR A 146 -25.63 -8.08 17.30
N THR A 147 -26.42 -7.30 18.01
CA THR A 147 -26.67 -5.88 17.65
C THR A 147 -26.64 -5.01 18.89
N ARG A 148 -26.23 -3.75 18.75
CA ARG A 148 -26.20 -2.79 19.88
C ARG A 148 -25.49 -3.44 21.09
N PHE A 149 -24.45 -4.22 20.79
CA PHE A 149 -23.67 -4.91 21.86
C PHE A 149 -22.35 -4.16 22.13
N PHE A 150 -22.03 -3.99 23.41
CA PHE A 150 -20.77 -3.31 23.82
C PHE A 150 -20.36 -3.83 25.19
N THR A 151 -19.13 -4.32 25.26
CA THR A 151 -18.66 -4.94 26.51
C THR A 151 -17.17 -4.70 26.75
N GLY A 152 -16.71 -5.08 27.93
CA GLY A 152 -15.30 -4.97 28.31
C GLY A 152 -15.22 -4.88 29.82
N PHE A 153 -14.26 -4.12 30.34
CA PHE A 153 -14.19 -3.86 31.80
C PHE A 153 -15.07 -2.65 32.03
N LEU A 154 -16.24 -2.87 32.60
CA LEU A 154 -17.18 -1.75 32.76
C LEU A 154 -16.72 -0.74 33.84
N LYS A 155 -16.71 0.53 33.51
CA LYS A 155 -16.37 1.60 34.47
C LYS A 155 -17.66 2.44 34.60
N LEU A 156 -18.37 2.28 35.72
CA LEU A 156 -19.75 2.86 35.80
C LEU A 156 -19.92 4.18 36.58
N ASN A 157 -19.18 4.44 37.64
CA ASN A 157 -19.44 5.75 38.30
C ASN A 157 -18.11 6.51 38.41
N GLU A 158 -17.43 6.65 37.29
CA GLU A 158 -16.08 7.22 37.34
C GLU A 158 -16.13 8.74 37.55
N PHE A 159 -15.14 9.23 38.27
CA PHE A 159 -15.00 10.68 38.44
C PHE A 159 -13.83 11.10 37.60
N PRO A 160 -13.93 12.23 36.90
CA PRO A 160 -12.77 12.76 36.15
C PRO A 160 -11.59 12.97 37.10
N ILE A 161 -10.39 12.78 36.57
CA ILE A 161 -9.17 12.95 37.37
C ILE A 161 -8.76 14.44 37.26
N ARG A 162 -8.84 15.13 38.37
CA ARG A 162 -8.46 16.56 38.41
C ARG A 162 -7.03 16.76 38.96
N GLN A 163 -6.30 15.71 39.28
CA GLN A 163 -4.87 15.83 39.71
C GLN A 163 -4.10 16.35 38.49
N PRO A 164 -3.58 17.60 38.49
CA PRO A 164 -3.02 18.23 37.25
C PRO A 164 -1.90 17.50 36.53
N PHE A 165 -1.11 16.70 37.21
CA PHE A 165 0.05 16.09 36.51
C PHE A 165 -0.26 14.61 36.21
N SER A 166 -1.48 14.16 36.52
CA SER A 166 -1.89 12.78 36.20
C SER A 166 -1.94 12.56 34.67
N LYS A 167 -1.62 11.34 34.25
CA LYS A 167 -1.71 10.99 32.82
C LYS A 167 -3.14 11.22 32.29
N TRP A 168 -4.13 10.95 33.12
CA TRP A 168 -5.53 11.08 32.66
C TRP A 168 -6.18 12.37 33.17
N PHE A 169 -5.36 13.36 33.46
CA PHE A 169 -5.93 14.65 33.93
C PHE A 169 -6.79 15.32 32.86
N VAL A 170 -7.95 15.80 33.26
CA VAL A 170 -8.77 16.67 32.41
C VAL A 170 -9.22 17.89 33.22
N SER A 171 -9.05 19.06 32.64
CA SER A 171 -9.47 20.25 33.35
C SER A 171 -10.99 20.35 33.33
N LYS A 172 -11.49 21.29 34.14
CA LYS A 172 -12.94 21.50 34.12
C LYS A 172 -13.39 22.07 32.78
N SER A 173 -12.53 22.77 32.08
CA SER A 173 -12.92 23.22 30.71
CA SER A 173 -12.89 23.22 30.70
C SER A 173 -13.00 22.05 29.69
N GLU A 174 -12.10 21.11 29.87
CA GLU A 174 -12.07 19.95 28.95
C GLU A 174 -13.27 19.03 29.24
N TYR A 175 -13.62 18.91 30.51
CA TYR A 175 -14.77 18.08 30.89
C TYR A 175 -15.35 18.68 32.13
N PRO A 176 -16.43 19.47 31.99
CA PRO A 176 -16.95 20.28 33.12
C PRO A 176 -17.84 19.56 34.12
N TRP A 177 -18.14 18.28 33.94
CA TRP A 177 -19.09 17.66 34.88
C TRP A 177 -18.41 16.76 35.96
N ASP A 178 -19.15 16.44 37.01
CA ASP A 178 -18.59 15.68 38.18
C ASP A 178 -18.32 14.21 37.88
N ARG A 179 -19.10 13.62 36.97
CA ARG A 179 -18.95 12.18 36.73
C ARG A 179 -18.93 11.91 35.23
N TYR A 180 -18.25 10.86 34.81
CA TYR A 180 -18.20 10.45 33.39
C TYR A 180 -19.41 9.59 33.12
N PRO A 181 -19.78 9.44 31.85
CA PRO A 181 -20.85 8.51 31.51
C PRO A 181 -20.29 7.12 31.71
N PRO A 182 -21.14 6.09 31.63
CA PRO A 182 -20.65 4.71 31.69
C PRO A 182 -19.70 4.51 30.52
N PHE A 183 -18.61 3.79 30.77
CA PHE A 183 -17.70 3.47 29.65
C PHE A 183 -16.87 2.23 30.02
N CYS A 184 -16.16 1.73 29.04
CA CYS A 184 -15.30 0.55 29.28
C CYS A 184 -13.81 0.90 29.10
N SER A 185 -12.96 0.24 29.87
CA SER A 185 -11.50 0.51 29.78
C SER A 185 -11.05 0.49 28.32
N GLY A 186 -10.31 1.51 27.89
CA GLY A 186 -9.72 1.52 26.54
C GLY A 186 -8.66 0.44 26.33
N THR A 187 -8.23 -0.22 27.41
CA THR A 187 -7.26 -1.33 27.29
C THR A 187 -7.75 -2.35 26.27
N GLY A 188 -9.06 -2.59 26.27
CA GLY A 188 -9.64 -3.54 25.32
C GLY A 188 -11.13 -3.55 25.50
N TYR A 189 -11.85 -3.34 24.43
CA TYR A 189 -13.33 -3.39 24.51
C TYR A 189 -13.87 -3.96 23.20
N VAL A 190 -15.07 -4.53 23.29
CA VAL A 190 -15.63 -5.25 22.11
C VAL A 190 -17.06 -4.77 21.84
N PHE A 191 -17.35 -4.65 20.57
CA PHE A 191 -18.71 -4.20 20.16
C PHE A 191 -19.16 -4.89 18.88
N SER A 192 -20.46 -4.96 18.74
CA SER A 192 -21.07 -5.50 17.49
C SER A 192 -20.74 -4.51 16.35
N GLY A 193 -20.36 -5.00 15.18
CA GLY A 193 -19.94 -4.14 14.07
C GLY A 193 -20.91 -3.02 13.72
N ASP A 194 -22.21 -3.22 13.91
CA ASP A 194 -23.23 -2.15 13.66
C ASP A 194 -22.95 -0.91 14.53
N VAL A 195 -22.50 -1.13 15.77
CA VAL A 195 -22.23 0.00 16.70
C VAL A 195 -21.25 1.01 16.06
N ALA A 196 -20.32 0.53 15.25
CA ALA A 196 -19.31 1.43 14.62
C ALA A 196 -20.01 2.52 13.79
N SER A 197 -21.00 2.09 13.01
CA SER A 197 -21.70 3.06 12.13
C SER A 197 -22.47 4.07 13.00
N GLN A 198 -23.09 3.58 14.06
CA GLN A 198 -23.89 4.48 14.91
C GLN A 198 -22.94 5.50 15.61
N VAL A 199 -21.84 5.00 16.15
CA VAL A 199 -20.92 5.91 16.89
C VAL A 199 -20.38 6.96 15.91
N TYR A 200 -19.96 6.51 14.74
CA TYR A 200 -19.41 7.44 13.72
C TYR A 200 -20.45 8.51 13.42
N ASN A 201 -21.69 8.06 13.20
CA ASN A 201 -22.80 9.02 12.90
C ASN A 201 -22.97 10.09 13.97
N VAL A 202 -23.02 9.68 15.23
CA VAL A 202 -23.31 10.65 16.32
C VAL A 202 -22.04 11.38 16.79
N SER A 203 -20.86 10.88 16.41
CA SER A 203 -19.58 11.42 16.96
C SER A 203 -19.47 12.95 16.93
N LYS A 204 -19.78 13.57 15.80
CA LYS A 204 -19.57 15.03 15.66
C LYS A 204 -20.58 15.84 16.50
N SER A 205 -21.61 15.20 17.03
CA SER A 205 -22.63 15.90 17.85
C SER A 205 -22.31 15.79 19.35
N VAL A 206 -21.32 14.96 19.70
CA VAL A 206 -21.01 14.68 21.13
C VAL A 206 -19.81 15.52 21.58
N PRO A 207 -19.90 16.06 22.80
CA PRO A 207 -18.80 16.88 23.38
C PRO A 207 -17.50 16.06 23.27
N TYR A 208 -16.53 16.65 22.61
CA TYR A 208 -15.22 15.98 22.50
C TYR A 208 -14.50 15.85 23.83
N ILE A 209 -13.88 14.70 24.06
CA ILE A 209 -12.94 14.59 25.17
C ILE A 209 -11.72 13.84 24.67
N LYS A 210 -10.53 14.17 25.20
CA LYS A 210 -9.26 13.57 24.75
C LYS A 210 -9.06 12.13 25.24
N LEU A 211 -9.83 11.69 26.22
CA LEU A 211 -9.76 10.27 26.65
C LEU A 211 -10.70 9.45 25.74
N GLU A 212 -10.15 8.60 24.86
CA GLU A 212 -10.91 7.89 23.81
C GLU A 212 -12.05 7.02 24.37
N ASP A 213 -11.75 6.27 25.42
CA ASP A 213 -12.76 5.35 26.02
C ASP A 213 -13.92 6.15 26.63
N VAL A 214 -13.63 7.29 27.24
CA VAL A 214 -14.74 8.15 27.74
C VAL A 214 -15.58 8.65 26.55
N PHE A 215 -14.91 9.12 25.50
CA PHE A 215 -15.64 9.69 24.34
C PHE A 215 -16.63 8.64 23.78
N VAL A 216 -16.11 7.45 23.56
CA VAL A 216 -16.97 6.35 23.03
C VAL A 216 -18.16 6.15 23.99
N GLY A 217 -17.88 6.21 25.29
CA GLY A 217 -18.96 6.14 26.29
C GLY A 217 -19.97 7.25 26.08
N LEU A 218 -19.50 8.47 25.83
CA LEU A 218 -20.44 9.58 25.54
C LEU A 218 -21.32 9.21 24.32
N CYS A 219 -20.70 8.69 23.28
CA CYS A 219 -21.44 8.35 22.05
C CYS A 219 -22.48 7.26 22.36
N LEU A 220 -22.06 6.22 23.05
CA LEU A 220 -22.95 5.09 23.38
C LEU A 220 -24.15 5.61 24.19
N GLU A 221 -23.90 6.47 25.17
CA GLU A 221 -25.01 7.08 25.96
C GLU A 221 -25.94 7.90 25.03
N ARG A 222 -25.36 8.67 24.11
CA ARG A 222 -26.25 9.42 23.24
C ARG A 222 -27.09 8.46 22.38
N LEU A 223 -26.58 7.30 22.08
CA LEU A 223 -27.24 6.28 21.27
C LEU A 223 -28.17 5.39 22.07
N ASN A 224 -28.20 5.52 23.38
CA ASN A 224 -28.98 4.64 24.25
C ASN A 224 -28.53 3.19 24.18
N ILE A 225 -27.23 2.96 23.98
CA ILE A 225 -26.64 1.62 23.96
C ILE A 225 -26.10 1.36 25.34
N ARG A 226 -26.66 0.34 26.00
CA ARG A 226 -26.27 0.05 27.40
C ARG A 226 -25.10 -0.93 27.43
N LEU A 227 -24.16 -0.71 28.34
CA LEU A 227 -23.01 -1.62 28.49
C LEU A 227 -23.47 -2.93 29.12
N GLU A 228 -22.86 -4.03 28.70
CA GLU A 228 -23.15 -5.33 29.29
C GLU A 228 -21.89 -6.10 29.62
N GLU A 229 -21.95 -6.82 30.74
CA GLU A 229 -20.85 -7.73 31.13
C GLU A 229 -20.82 -8.90 30.15
N LEU A 230 -19.64 -9.31 29.71
CA LEU A 230 -19.58 -10.37 28.68
C LEU A 230 -19.92 -11.75 29.27
N HIS A 231 -19.70 -11.94 30.56
CA HIS A 231 -19.78 -13.26 31.18
C HIS A 231 -20.04 -13.10 32.66
N SER A 232 -20.45 -14.21 33.31
CA SER A 232 -20.73 -14.16 34.74
C SER A 232 -19.48 -13.92 35.56
N GLN A 233 -18.34 -14.24 34.96
CA GLN A 233 -17.06 -14.06 35.65
C GLN A 233 -16.27 -12.94 34.96
N PRO A 234 -15.44 -12.15 35.69
CA PRO A 234 -14.55 -11.14 35.07
C PRO A 234 -13.70 -11.78 33.98
N THR A 235 -13.56 -11.10 32.84
CA THR A 235 -12.74 -11.60 31.72
C THR A 235 -11.78 -10.53 31.23
N PHE A 236 -12.03 -9.28 31.63
CA PHE A 236 -11.18 -8.13 31.21
C PHE A 236 -10.42 -7.62 32.44
N PHE A 237 -9.10 -7.48 32.32
CA PHE A 237 -8.26 -7.14 33.50
C PHE A 237 -7.33 -5.97 33.18
N PRO A 238 -7.86 -4.74 33.22
CA PRO A 238 -7.05 -3.51 33.01
C PRO A 238 -5.92 -3.41 34.06
N GLY A 239 -6.12 -4.01 35.22
CA GLY A 239 -5.15 -3.96 36.33
C GLY A 239 -4.02 -4.98 36.22
N GLY A 240 -4.13 -5.87 35.24
CA GLY A 240 -3.12 -6.90 35.09
C GLY A 240 -3.38 -8.11 35.99
N LEU A 241 -2.57 -9.14 35.84
CA LEU A 241 -2.84 -10.40 36.56
C LEU A 241 -1.57 -11.21 36.79
N ARG A 242 -1.60 -12.04 37.86
CA ARG A 242 -0.49 -12.98 38.08
C ARG A 242 -0.69 -14.09 37.04
N PHE A 243 0.33 -14.39 36.25
CA PHE A 243 0.20 -15.34 35.12
C PHE A 243 0.07 -16.78 35.56
N SER A 244 -0.83 -17.51 34.92
CA SER A 244 -0.94 -18.97 35.07
C SER A 244 -1.60 -19.46 33.77
N VAL A 245 -1.13 -20.58 33.26
CA VAL A 245 -1.73 -21.14 32.02
C VAL A 245 -3.24 -21.29 32.23
N CYS A 246 -3.62 -21.88 33.35
CA CYS A 246 -5.07 -22.18 33.53
C CYS A 246 -5.88 -20.88 33.65
N LEU A 247 -5.33 -19.87 34.31
CA LEU A 247 -6.04 -18.57 34.39
C LEU A 247 -6.16 -17.96 32.98
N PHE A 248 -5.06 -17.93 32.24
CA PHE A 248 -5.06 -17.24 30.92
C PHE A 248 -5.94 -17.96 29.90
N ARG A 249 -6.25 -19.24 30.16
CA ARG A 249 -7.16 -20.01 29.27
C ARG A 249 -8.61 -19.60 29.54
N ARG A 250 -8.87 -18.93 30.66
CA ARG A 250 -10.29 -18.60 31.00
C ARG A 250 -10.45 -17.08 31.12
N ILE A 251 -9.66 -16.30 30.38
CA ILE A 251 -9.83 -14.81 30.38
C ILE A 251 -9.88 -14.32 28.93
N VAL A 252 -10.27 -13.06 28.71
CA VAL A 252 -10.24 -12.47 27.36
C VAL A 252 -9.04 -11.50 27.21
N ALA A 253 -8.85 -10.66 28.22
CA ALA A 253 -7.79 -9.62 28.08
C ALA A 253 -7.08 -9.31 29.39
N CYS A 254 -5.78 -9.08 29.26
CA CYS A 254 -4.93 -8.73 30.42
C CYS A 254 -3.93 -7.62 30.00
N HIS A 255 -3.87 -6.57 30.79
CA HIS A 255 -3.03 -5.39 30.49
C HIS A 255 -1.67 -5.51 31.18
N PHE A 256 -0.81 -4.51 30.97
CA PHE A 256 0.52 -4.47 31.66
C PHE A 256 1.39 -5.62 31.18
N ILE A 257 1.32 -5.93 29.91
CA ILE A 257 2.17 -7.01 29.31
CA ILE A 257 2.19 -7.00 29.33
C ILE A 257 3.11 -6.49 28.20
N LYS A 258 4.40 -6.50 28.51
CA LYS A 258 5.42 -5.98 27.56
C LYS A 258 5.68 -7.03 26.48
N PRO A 259 6.33 -6.64 25.37
CA PRO A 259 6.50 -7.60 24.24
C PRO A 259 7.20 -8.90 24.63
N ARG A 260 8.36 -8.81 25.25
CA ARG A 260 9.03 -10.05 25.66
C ARG A 260 8.09 -10.94 26.48
N THR A 261 7.40 -10.31 27.44
CA THR A 261 6.49 -11.05 28.29
C THR A 261 5.36 -11.68 27.47
N LEU A 262 4.83 -10.96 26.49
CA LEU A 262 3.73 -11.50 25.64
C LEU A 262 4.19 -12.79 24.93
N LEU A 263 5.36 -12.72 24.29
CA LEU A 263 5.89 -13.91 23.58
C LEU A 263 6.06 -15.09 24.54
N ASP A 264 6.64 -14.83 25.70
CA ASP A 264 6.80 -15.90 26.73
C ASP A 264 5.45 -16.53 27.10
N TYR A 265 4.44 -15.70 27.34
CA TYR A 265 3.11 -16.22 27.74
C TYR A 265 2.50 -17.05 26.60
N TRP A 266 2.68 -16.59 25.36
CA TRP A 266 2.12 -17.31 24.19
C TRP A 266 2.81 -18.67 24.10
N GLN A 267 4.12 -18.68 24.33
CA GLN A 267 4.90 -19.94 24.28
C GLN A 267 4.42 -20.89 25.41
N ALA A 268 4.16 -20.33 26.59
CA ALA A 268 3.64 -21.15 27.70
C ALA A 268 2.33 -21.84 27.31
N LEU A 269 1.42 -21.07 26.71
CA LEU A 269 0.11 -21.63 26.30
C LEU A 269 0.32 -22.71 25.22
N GLU A 270 1.19 -22.47 24.26
CA GLU A 270 1.51 -23.51 23.26
C GLU A 270 2.18 -24.71 23.98
N ASN A 271 3.19 -24.47 24.81
CA ASN A 271 3.85 -25.61 25.46
C ASN A 271 2.89 -26.47 26.23
N SER A 272 1.81 -25.91 26.77
CA SER A 272 0.93 -26.67 27.63
C SER A 272 -0.38 -27.01 26.95
N ARG A 273 -0.49 -26.74 25.66
CA ARG A 273 -1.78 -26.98 24.95
C ARG A 273 -2.04 -28.50 25.01
N GLY A 274 -3.26 -28.91 25.33
CA GLY A 274 -3.48 -30.35 25.46
C GLY A 274 -3.19 -30.92 26.83
N GLU A 275 -2.79 -30.09 27.78
CA GLU A 275 -2.93 -30.51 29.16
C GLU A 275 -4.30 -30.07 29.67
N ASP A 276 -4.72 -30.67 30.78
CA ASP A 276 -6.02 -30.37 31.35
C ASP A 276 -5.90 -29.40 32.51
N CYS A 277 -6.98 -28.65 32.77
CA CYS A 277 -6.96 -27.70 33.86
C CYS A 277 -8.11 -27.96 34.83
N PRO A 278 -7.89 -27.70 36.13
CA PRO A 278 -8.95 -27.84 37.13
C PRO A 278 -10.29 -27.28 36.67
N ASN B 13 8.85 23.28 -23.57
CA ASN B 13 8.18 23.40 -22.25
C ASN B 13 8.89 22.47 -21.27
N PHE B 14 10.13 22.07 -21.57
CA PHE B 14 10.83 21.05 -20.74
C PHE B 14 11.82 21.71 -19.80
N LEU B 15 11.76 21.34 -18.53
CA LEU B 15 12.65 21.91 -17.49
C LEU B 15 14.09 21.47 -17.73
N LYS B 16 14.27 20.20 -18.08
CA LYS B 16 15.61 19.69 -18.42
C LYS B 16 15.42 18.83 -19.67
N LEU B 17 16.28 18.98 -20.66
CA LEU B 17 16.04 18.25 -21.93
C LEU B 17 17.32 17.55 -22.39
N PRO B 18 17.23 16.29 -22.85
CA PRO B 18 18.40 15.53 -23.36
C PRO B 18 19.02 16.22 -24.58
N ASP B 19 20.29 16.59 -24.45
CA ASP B 19 21.04 17.26 -25.55
C ASP B 19 21.28 16.23 -26.65
N THR B 20 20.31 16.08 -27.57
CA THR B 20 20.43 15.10 -28.66
C THR B 20 19.84 15.66 -29.93
N ASP B 21 20.39 15.28 -31.08
CA ASP B 21 19.75 15.62 -32.38
C ASP B 21 19.43 14.28 -33.02
N CYS B 22 18.14 13.96 -33.12
CA CYS B 22 17.73 12.65 -33.69
C CYS B 22 17.75 12.74 -35.22
N ARG B 23 17.58 13.94 -35.79
CA ARG B 23 17.52 14.07 -37.27
C ARG B 23 18.89 13.67 -37.82
N GLN B 24 19.97 14.14 -37.16
CA GLN B 24 21.35 13.80 -37.57
C GLN B 24 21.62 12.32 -37.30
N THR B 25 21.22 11.82 -36.12
CA THR B 25 21.42 10.41 -35.78
C THR B 25 20.06 9.77 -35.52
N PRO B 26 19.28 9.44 -36.56
CA PRO B 26 17.97 8.74 -36.39
C PRO B 26 18.18 7.48 -35.58
N PRO B 27 17.60 7.39 -34.36
CA PRO B 27 17.87 6.24 -33.48
C PRO B 27 17.08 5.04 -33.95
N PHE B 28 17.63 3.86 -33.75
CA PHE B 28 16.77 2.73 -34.04
C PHE B 28 15.83 2.44 -32.88
N LEU B 29 16.35 2.46 -31.65
CA LEU B 29 15.53 2.20 -30.48
C LEU B 29 15.80 3.29 -29.46
N VAL B 30 14.69 3.89 -28.99
CA VAL B 30 14.78 4.90 -27.92
C VAL B 30 14.10 4.31 -26.67
N LEU B 31 14.81 4.28 -25.56
CA LEU B 31 14.26 3.81 -24.29
C LEU B 31 13.93 5.00 -23.40
N LEU B 32 12.67 5.10 -22.94
CA LEU B 32 12.22 6.11 -21.98
C LEU B 32 11.90 5.41 -20.66
N VAL B 33 12.69 5.69 -19.62
CA VAL B 33 12.64 4.98 -18.35
C VAL B 33 12.03 5.88 -17.27
N THR B 34 11.00 5.39 -16.61
CA THR B 34 10.38 6.11 -15.51
C THR B 34 11.04 5.75 -14.17
N SER B 35 11.26 6.76 -13.32
CA SER B 35 11.84 6.54 -12.00
C SER B 35 11.60 7.75 -11.10
N SER B 36 11.57 7.50 -9.79
CA SER B 36 11.44 8.56 -8.78
C SER B 36 12.76 9.29 -8.57
N HIS B 37 12.66 10.42 -7.87
CA HIS B 37 13.87 11.19 -7.55
C HIS B 37 14.80 10.35 -6.67
N LYS B 38 14.23 9.63 -5.72
CA LYS B 38 15.10 8.90 -4.75
C LYS B 38 15.67 7.62 -5.37
N GLN B 39 15.26 7.28 -6.58
CA GLN B 39 15.70 5.98 -7.09
C GLN B 39 17.02 6.07 -7.84
N LEU B 40 18.01 6.73 -7.26
CA LEU B 40 19.33 6.84 -7.90
C LEU B 40 19.93 5.44 -8.16
N ALA B 41 19.72 4.50 -7.23
CA ALA B 41 20.28 3.16 -7.41
C ALA B 41 19.80 2.52 -8.70
N GLU B 42 18.50 2.62 -8.98
CA GLU B 42 17.95 2.05 -10.21
C GLU B 42 18.57 2.68 -11.44
N ARG B 43 18.64 4.00 -11.47
CA ARG B 43 19.15 4.63 -12.71
C ARG B 43 20.62 4.24 -12.89
N MET B 44 21.38 4.23 -11.81
CA MET B 44 22.79 3.87 -11.95
C MET B 44 22.94 2.44 -12.45
N ALA B 45 22.16 1.52 -11.88
CA ALA B 45 22.22 0.12 -12.33
C ALA B 45 21.86 0.04 -13.81
N ILE B 46 20.90 0.85 -14.23
CA ILE B 46 20.46 0.82 -15.62
C ILE B 46 21.55 1.39 -16.53
N ARG B 47 22.15 2.50 -16.11
CA ARG B 47 23.23 3.12 -16.92
C ARG B 47 24.37 2.12 -17.09
N GLN B 48 24.66 1.32 -16.07
CA GLN B 48 25.77 0.37 -16.11
C GLN B 48 25.42 -0.93 -16.82
N THR B 49 24.14 -1.16 -17.12
CA THR B 49 23.75 -2.39 -17.80
C THR B 49 22.99 -2.09 -19.09
N TRP B 50 21.69 -2.42 -19.16
CA TRP B 50 21.04 -2.35 -20.47
C TRP B 50 20.83 -0.92 -20.94
N GLY B 51 20.94 0.08 -20.07
CA GLY B 51 20.81 1.45 -20.53
C GLY B 51 22.05 2.03 -21.18
N LYS B 52 23.16 1.29 -21.11
CA LYS B 52 24.42 1.78 -21.68
C LYS B 52 24.24 1.99 -23.18
N GLU B 53 24.47 3.22 -23.63
CA GLU B 53 24.20 3.60 -25.02
C GLU B 53 25.24 3.00 -25.96
N ARG B 54 24.76 2.52 -27.10
CA ARG B 54 25.71 1.81 -27.99
C ARG B 54 25.06 1.35 -29.28
N MET B 55 25.90 1.05 -30.26
CA MET B 55 25.48 0.49 -31.53
C MET B 55 25.09 -0.97 -31.34
N VAL B 56 23.97 -1.35 -31.96
CA VAL B 56 23.43 -2.73 -31.87
C VAL B 56 23.09 -3.16 -33.30
N LYS B 57 23.92 -3.99 -33.93
CA LYS B 57 23.70 -4.45 -35.33
C LYS B 57 23.54 -3.22 -36.24
N GLY B 58 24.40 -2.22 -36.07
CA GLY B 58 24.36 -1.05 -36.94
C GLY B 58 23.13 -0.21 -36.65
N LYS B 59 22.51 -0.45 -35.49
CA LYS B 59 21.30 0.29 -35.07
C LYS B 59 21.59 1.04 -33.75
N GLN B 60 21.34 2.35 -33.70
CA GLN B 60 21.72 3.20 -32.54
C GLN B 60 20.71 3.11 -31.38
N LEU B 61 21.19 2.76 -30.19
CA LEU B 61 20.33 2.64 -28.99
C LEU B 61 20.46 3.91 -28.14
N LYS B 62 19.32 4.48 -27.78
CA LYS B 62 19.32 5.72 -26.98
C LYS B 62 18.57 5.48 -25.65
N THR B 63 19.03 6.11 -24.57
CA THR B 63 18.41 5.83 -23.28
C THR B 63 18.22 7.13 -22.51
N PHE B 64 16.98 7.39 -22.08
CA PHE B 64 16.62 8.60 -21.33
C PHE B 64 15.78 8.26 -20.12
N PHE B 65 15.85 9.11 -19.11
CA PHE B 65 15.09 8.95 -17.88
C PHE B 65 14.09 10.08 -17.77
N LEU B 66 12.81 9.75 -17.55
CA LEU B 66 11.73 10.71 -17.39
C LEU B 66 11.56 11.04 -15.92
N LEU B 67 11.62 12.34 -15.59
CA LEU B 67 11.49 12.81 -14.22
C LEU B 67 10.55 14.01 -14.18
N GLY B 68 9.83 14.13 -13.07
CA GLY B 68 9.08 15.33 -12.74
C GLY B 68 9.81 16.22 -11.74
N THR B 69 9.04 16.94 -10.94
CA THR B 69 9.59 17.80 -9.92
C THR B 69 9.16 17.30 -8.55
N THR B 70 9.91 17.74 -7.51
CA THR B 70 9.66 17.30 -6.12
C THR B 70 9.80 18.42 -5.13
N SER B 71 9.24 18.24 -3.93
CA SER B 71 9.30 19.27 -2.86
C SER B 71 10.63 19.22 -2.10
N SER B 72 11.32 18.08 -2.11
CA SER B 72 12.54 17.94 -1.29
C SER B 72 13.69 18.74 -1.90
N ALA B 73 14.16 19.74 -1.16
CA ALA B 73 15.31 20.54 -1.63
C ALA B 73 16.46 19.58 -1.93
N ALA B 74 16.71 18.67 -0.97
CA ALA B 74 17.83 17.71 -1.09
C ALA B 74 17.64 16.78 -2.27
N GLU B 75 16.44 16.22 -2.44
CA GLU B 75 16.23 15.40 -3.65
C GLU B 75 16.49 16.28 -4.87
N THR B 76 16.02 17.53 -4.84
CA THR B 76 16.16 18.38 -6.01
C THR B 76 17.64 18.69 -6.19
N LYS B 77 18.32 18.84 -5.06
CA LYS B 77 19.78 19.14 -5.13
C LYS B 77 20.49 17.94 -5.78
N GLU B 78 20.00 16.72 -5.55
CA GLU B 78 20.69 15.50 -6.06
C GLU B 78 20.50 15.27 -7.58
N VAL B 79 19.35 15.64 -8.15
CA VAL B 79 19.07 15.34 -9.59
C VAL B 79 19.80 16.29 -10.55
N ASP B 80 19.90 17.57 -10.20
CA ASP B 80 20.55 18.58 -11.10
C ASP B 80 21.90 18.02 -11.56
N GLN B 81 22.76 17.66 -10.61
CA GLN B 81 24.07 17.04 -10.95
C GLN B 81 23.88 15.91 -11.96
N GLU B 82 23.00 14.96 -11.68
CA GLU B 82 22.83 13.82 -12.60
C GLU B 82 22.71 14.38 -14.00
N SER B 83 21.80 15.35 -14.17
CA SER B 83 21.59 15.91 -15.52
C SER B 83 22.94 16.39 -16.08
N GLN B 84 23.80 16.95 -15.24
CA GLN B 84 25.09 17.48 -15.71
C GLN B 84 26.07 16.33 -15.98
N ARG B 85 26.13 15.36 -15.06
CA ARG B 85 27.10 14.26 -15.17
C ARG B 85 26.57 13.17 -16.13
N HIS B 86 25.31 13.28 -16.55
CA HIS B 86 24.72 12.18 -17.38
C HIS B 86 23.82 12.72 -18.48
N GLY B 87 23.47 14.01 -18.46
CA GLY B 87 22.69 14.60 -19.56
C GLY B 87 21.67 13.66 -20.15
N ASP B 88 20.95 12.92 -19.31
CA ASP B 88 20.01 11.93 -19.85
C ASP B 88 18.61 12.04 -19.26
N ILE B 89 18.23 13.22 -18.75
CA ILE B 89 16.94 13.43 -18.09
C ILE B 89 16.01 14.25 -18.98
N ILE B 90 14.77 13.79 -19.12
CA ILE B 90 13.66 14.58 -19.64
C ILE B 90 12.80 14.99 -18.45
N GLN B 91 12.67 16.30 -18.23
CA GLN B 91 11.97 16.83 -17.07
C GLN B 91 10.94 17.85 -17.50
N LYS B 92 9.96 18.05 -16.61
CA LYS B 92 8.93 19.10 -16.78
C LYS B 92 8.53 19.45 -15.33
N ASP B 93 7.88 20.59 -15.09
CA ASP B 93 7.40 20.88 -13.72
C ASP B 93 6.10 20.14 -13.43
N PHE B 94 6.17 18.92 -12.91
CA PHE B 94 4.91 18.22 -12.51
C PHE B 94 5.21 17.35 -11.29
N LEU B 95 4.36 17.44 -10.28
CA LEU B 95 4.56 16.65 -9.04
C LEU B 95 4.86 15.20 -9.42
N ASP B 96 6.09 14.76 -9.20
CA ASP B 96 6.50 13.37 -9.53
C ASP B 96 5.86 12.42 -8.52
N VAL B 97 4.59 12.12 -8.72
CA VAL B 97 3.85 11.20 -7.80
C VAL B 97 3.26 10.08 -8.64
N TYR B 98 2.95 8.96 -8.01
CA TYR B 98 2.44 7.80 -8.79
C TYR B 98 1.21 8.23 -9.54
N TYR B 99 0.45 9.16 -8.99
CA TYR B 99 -0.84 9.52 -9.65
C TYR B 99 -0.58 10.56 -10.74
N ASN B 100 0.68 10.88 -10.96
CA ASN B 100 1.05 11.78 -12.08
C ASN B 100 1.90 10.99 -13.08
N LEU B 101 1.57 9.72 -13.28
CA LEU B 101 2.40 8.86 -14.18
C LEU B 101 1.85 8.95 -15.61
N THR B 102 0.56 9.17 -15.78
CA THR B 102 0.00 9.38 -17.13
C THR B 102 0.62 10.64 -17.68
N LEU B 103 1.02 11.55 -16.80
CA LEU B 103 1.75 12.77 -17.21
C LEU B 103 3.18 12.40 -17.61
N LYS B 104 3.89 11.61 -16.80
CA LYS B 104 5.26 11.17 -17.18
C LYS B 104 5.16 10.50 -18.56
N THR B 105 4.20 9.61 -18.77
CA THR B 105 4.19 8.91 -20.05
C THR B 105 3.94 9.89 -21.19
N MET B 106 2.96 10.78 -21.02
CA MET B 106 2.66 11.69 -22.12
C MET B 106 3.79 12.67 -22.33
N MET B 107 4.53 13.00 -21.28
CA MET B 107 5.70 13.87 -21.51
C MET B 107 6.65 13.10 -22.44
N GLY B 108 6.96 11.85 -22.09
CA GLY B 108 7.82 11.08 -22.97
C GLY B 108 7.28 11.00 -24.39
N ILE B 109 5.97 10.77 -24.52
CA ILE B 109 5.41 10.64 -25.86
C ILE B 109 5.56 11.96 -26.60
N GLU B 110 5.18 13.06 -25.97
CA GLU B 110 5.39 14.39 -26.60
C GLU B 110 6.84 14.55 -27.09
N TRP B 111 7.83 14.13 -26.30
CA TRP B 111 9.25 14.33 -26.65
C TRP B 111 9.56 13.58 -27.95
N VAL B 112 9.27 12.28 -27.99
CA VAL B 112 9.45 11.53 -29.27
C VAL B 112 8.79 12.35 -30.40
N HIS B 113 7.61 12.92 -30.16
CA HIS B 113 6.87 13.62 -31.26
C HIS B 113 7.55 14.95 -31.58
N ARG B 114 8.39 15.44 -30.67
CA ARG B 114 9.02 16.77 -30.88
C ARG B 114 10.48 16.62 -31.33
N PHE B 115 11.34 16.02 -30.49
CA PHE B 115 12.78 15.97 -30.82
C PHE B 115 13.26 14.56 -31.21
N CYS B 116 12.17 13.62 -31.84
CA CYS B 116 12.88 12.41 -32.32
C CYS B 116 12.02 11.51 -33.22
N PRO B 117 11.04 12.06 -34.02
CA PRO B 117 10.04 11.23 -34.74
C PRO B 117 10.73 10.34 -35.74
N GLN B 118 12.04 10.48 -35.76
CA GLN B 118 12.82 9.60 -36.67
C GLN B 118 12.99 8.24 -35.98
N ALA B 119 12.64 8.18 -34.71
CA ALA B 119 12.86 6.92 -33.98
C ALA B 119 12.17 5.80 -34.72
N ALA B 120 12.94 4.79 -35.09
CA ALA B 120 12.24 3.66 -35.66
C ALA B 120 11.29 3.05 -34.62
N PHE B 121 11.79 2.85 -33.40
CA PHE B 121 11.00 2.24 -32.33
C PHE B 121 11.30 2.90 -31.00
N VAL B 122 10.30 2.91 -30.11
CA VAL B 122 10.38 3.52 -28.79
C VAL B 122 9.87 2.53 -27.76
N MET B 123 10.60 2.37 -26.67
CA MET B 123 10.18 1.59 -25.50
C MET B 123 9.90 2.49 -24.30
N LYS B 124 8.72 2.34 -23.73
CA LYS B 124 8.46 3.00 -22.43
C LYS B 124 8.66 1.89 -21.37
N THR B 125 9.56 2.10 -20.42
CA THR B 125 9.81 1.06 -19.39
C THR B 125 9.93 1.59 -17.99
N ASP B 126 9.98 0.67 -17.06
CA ASP B 126 10.10 1.06 -15.66
C ASP B 126 11.53 0.81 -15.20
N SER B 127 11.83 1.21 -13.96
CA SER B 127 13.23 1.10 -13.48
C SER B 127 13.49 -0.27 -12.83
N ASP B 128 12.45 -0.97 -12.39
CA ASP B 128 12.58 -2.26 -11.68
C ASP B 128 12.63 -3.34 -12.75
N MET B 129 13.46 -3.13 -13.77
CA MET B 129 13.38 -4.06 -14.93
C MET B 129 14.71 -4.47 -15.55
N PHE B 130 14.71 -5.65 -16.16
CA PHE B 130 15.87 -6.07 -16.96
C PHE B 130 15.36 -5.97 -18.39
N ILE B 131 16.17 -5.40 -19.28
CA ILE B 131 15.78 -5.27 -20.71
C ILE B 131 16.89 -5.87 -21.58
N ASN B 132 16.51 -6.79 -22.47
CA ASN B 132 17.46 -7.39 -23.46
C ASN B 132 17.26 -6.68 -24.79
N VAL B 133 18.01 -5.62 -25.00
CA VAL B 133 17.90 -4.81 -26.25
C VAL B 133 18.40 -5.62 -27.46
N ASP B 134 19.37 -6.51 -27.26
CA ASP B 134 19.87 -7.37 -28.37
C ASP B 134 18.73 -8.23 -28.91
N TYR B 135 18.02 -8.93 -28.03
CA TYR B 135 16.90 -9.78 -28.49
C TYR B 135 15.77 -8.87 -29.02
N LEU B 136 15.51 -7.74 -28.36
CA LEU B 136 14.39 -6.86 -28.79
C LEU B 136 14.70 -6.38 -30.22
N THR B 137 15.92 -5.89 -30.42
CA THR B 137 16.37 -5.43 -31.76
C THR B 137 16.18 -6.54 -32.76
N GLU B 138 16.58 -7.75 -32.41
CA GLU B 138 16.49 -8.89 -33.35
C GLU B 138 15.02 -9.15 -33.68
N LEU B 139 14.17 -9.09 -32.66
CA LEU B 139 12.77 -9.37 -32.90
C LEU B 139 12.06 -8.23 -33.60
N LEU B 140 12.46 -7.00 -33.33
CA LEU B 140 11.86 -5.88 -34.03
C LEU B 140 12.19 -5.97 -35.52
N LEU B 141 13.43 -6.29 -35.83
CA LEU B 141 13.80 -6.43 -37.25
C LEU B 141 13.04 -7.58 -37.92
N LYS B 142 12.90 -8.72 -37.22
CA LYS B 142 12.18 -9.85 -37.81
C LYS B 142 10.69 -9.56 -37.95
N LYS B 143 10.10 -8.94 -36.93
CA LYS B 143 8.66 -8.61 -36.99
C LYS B 143 8.38 -7.74 -38.22
N ASN B 144 9.28 -6.81 -38.53
CA ASN B 144 9.11 -5.99 -39.77
C ASN B 144 7.77 -5.26 -39.74
N ARG B 145 7.37 -4.73 -38.57
CA ARG B 145 6.17 -3.89 -38.43
C ARG B 145 6.71 -2.51 -38.08
N THR B 146 6.74 -1.58 -39.04
CA THR B 146 7.45 -0.32 -38.89
C THR B 146 6.55 0.89 -38.77
N THR B 147 5.26 0.69 -38.99
CA THR B 147 4.25 1.76 -38.82
C THR B 147 3.08 1.24 -38.02
N ARG B 148 2.38 2.16 -37.33
CA ARG B 148 1.17 1.79 -36.54
C ARG B 148 1.40 0.46 -35.84
N PHE B 149 2.49 0.36 -35.09
CA PHE B 149 2.81 -0.90 -34.37
C PHE B 149 2.85 -0.68 -32.87
N PHE B 150 2.21 -1.57 -32.11
CA PHE B 150 2.26 -1.49 -30.62
C PHE B 150 2.37 -2.89 -30.03
N THR B 151 3.34 -3.09 -29.13
CA THR B 151 3.55 -4.43 -28.55
C THR B 151 3.98 -4.39 -27.09
N GLY B 152 3.90 -5.55 -26.45
CA GLY B 152 4.34 -5.69 -25.05
C GLY B 152 3.60 -6.85 -24.43
N PHE B 153 3.32 -6.79 -23.12
CA PHE B 153 2.47 -7.82 -22.49
C PHE B 153 1.03 -7.37 -22.70
N LEU B 154 0.27 -8.10 -23.50
CA LEU B 154 -1.10 -7.67 -23.82
C LEU B 154 -2.06 -7.98 -22.66
N LYS B 155 -2.78 -6.97 -22.19
CA LYS B 155 -3.86 -7.17 -21.18
C LYS B 155 -5.14 -6.92 -21.99
N LEU B 156 -5.87 -7.98 -22.36
CA LEU B 156 -6.99 -7.80 -23.32
C LEU B 156 -8.38 -7.79 -22.71
N ASN B 157 -8.55 -8.35 -21.51
CA ASN B 157 -9.89 -8.42 -20.89
C ASN B 157 -9.78 -7.89 -19.46
N GLU B 158 -9.39 -6.63 -19.31
CA GLU B 158 -9.19 -6.15 -17.94
C GLU B 158 -10.44 -5.42 -17.47
N PHE B 159 -10.63 -5.43 -16.16
CA PHE B 159 -11.75 -4.71 -15.54
C PHE B 159 -11.14 -3.73 -14.55
N PRO B 160 -11.64 -2.49 -14.52
CA PRO B 160 -11.11 -1.49 -13.57
C PRO B 160 -11.20 -2.01 -12.13
N ILE B 161 -10.19 -1.68 -11.33
CA ILE B 161 -10.12 -2.16 -9.95
C ILE B 161 -10.83 -1.16 -9.06
N ARG B 162 -11.94 -1.61 -8.44
CA ARG B 162 -12.78 -0.77 -7.58
C ARG B 162 -12.49 -0.92 -6.08
N GLN B 163 -11.50 -1.72 -5.68
CA GLN B 163 -11.14 -1.85 -4.28
C GLN B 163 -10.32 -0.67 -3.80
N PRO B 164 -10.84 0.17 -2.88
CA PRO B 164 -10.16 1.45 -2.56
C PRO B 164 -8.76 1.26 -1.97
N PHE B 165 -8.41 0.04 -1.54
CA PHE B 165 -7.04 -0.23 -1.00
C PHE B 165 -6.01 -0.47 -2.11
N SER B 166 -6.45 -0.75 -3.35
CA SER B 166 -5.49 -1.04 -4.40
C SER B 166 -4.76 0.25 -4.81
N LYS B 167 -3.46 0.15 -5.08
CA LYS B 167 -2.78 1.29 -5.66
C LYS B 167 -3.32 1.61 -7.05
N TRP B 168 -3.98 0.65 -7.69
CA TRP B 168 -4.57 0.85 -9.00
C TRP B 168 -6.08 1.11 -8.92
N PHE B 169 -6.58 1.47 -7.75
CA PHE B 169 -8.00 1.79 -7.62
C PHE B 169 -8.36 3.00 -8.47
N VAL B 170 -9.49 2.90 -9.19
CA VAL B 170 -10.10 4.04 -9.87
C VAL B 170 -11.58 4.11 -9.51
N SER B 171 -12.05 5.28 -9.12
CA SER B 171 -13.46 5.43 -8.80
C SER B 171 -14.30 5.43 -10.09
N LYS B 172 -15.63 5.33 -9.90
CA LYS B 172 -16.54 5.38 -11.03
C LYS B 172 -16.46 6.71 -11.76
N SER B 173 -16.15 7.76 -11.02
CA SER B 173 -15.99 9.10 -11.65
C SER B 173 -14.67 9.12 -12.44
N GLU B 174 -13.66 8.39 -11.96
CA GLU B 174 -12.33 8.38 -12.62
C GLU B 174 -12.46 7.59 -13.94
N TYR B 175 -13.07 6.40 -13.88
CA TYR B 175 -13.31 5.57 -15.10
C TYR B 175 -14.70 4.99 -14.93
N PRO B 176 -15.70 5.47 -15.67
CA PRO B 176 -17.12 5.07 -15.48
C PRO B 176 -17.55 3.78 -16.13
N TRP B 177 -16.70 3.12 -16.92
CA TRP B 177 -17.19 1.92 -17.63
C TRP B 177 -16.76 0.63 -16.95
N ASP B 178 -17.39 -0.49 -17.32
CA ASP B 178 -17.14 -1.78 -16.62
C ASP B 178 -15.88 -2.45 -17.16
N ARG B 179 -15.43 -2.03 -18.34
CA ARG B 179 -14.28 -2.72 -18.96
C ARG B 179 -13.25 -1.73 -19.47
N TYR B 180 -11.99 -2.14 -19.43
CA TYR B 180 -10.89 -1.29 -19.90
C TYR B 180 -10.66 -1.59 -21.37
N PRO B 181 -10.06 -0.65 -22.10
CA PRO B 181 -9.69 -0.92 -23.50
C PRO B 181 -8.60 -1.98 -23.50
N PRO B 182 -8.29 -2.63 -24.63
CA PRO B 182 -7.09 -3.49 -24.70
C PRO B 182 -5.90 -2.60 -24.41
N PHE B 183 -4.91 -3.10 -23.69
CA PHE B 183 -3.68 -2.31 -23.43
C PHE B 183 -2.52 -3.21 -23.05
N CYS B 184 -1.34 -2.63 -22.93
CA CYS B 184 -0.12 -3.40 -22.57
C CYS B 184 0.42 -2.92 -21.21
N SER B 185 0.99 -3.84 -20.45
CA SER B 185 1.56 -3.50 -19.12
C SER B 185 2.54 -2.33 -19.23
N GLY B 186 2.40 -1.35 -18.33
CA GLY B 186 3.34 -0.22 -18.28
C GLY B 186 4.72 -0.65 -17.81
N THR B 187 4.88 -1.89 -17.36
CA THR B 187 6.22 -2.37 -17.00
C THR B 187 7.16 -2.11 -18.17
N GLY B 188 6.68 -2.35 -19.39
CA GLY B 188 7.48 -2.10 -20.61
C GLY B 188 6.63 -2.24 -21.84
N TYR B 189 6.66 -1.28 -22.74
CA TYR B 189 5.88 -1.50 -23.98
C TYR B 189 6.66 -0.89 -25.12
N VAL B 190 6.37 -1.34 -26.33
CA VAL B 190 7.18 -0.90 -27.50
C VAL B 190 6.25 -0.49 -28.64
N PHE B 191 6.62 0.57 -29.32
CA PHE B 191 5.81 1.00 -30.48
C PHE B 191 6.68 1.64 -31.54
N SER B 192 6.17 1.62 -32.77
CA SER B 192 6.88 2.32 -33.85
C SER B 192 6.80 3.82 -33.62
N GLY B 193 7.87 4.53 -33.99
CA GLY B 193 7.96 5.95 -33.68
C GLY B 193 6.79 6.80 -34.16
N ASP B 194 6.17 6.43 -35.30
CA ASP B 194 5.02 7.19 -35.81
C ASP B 194 3.86 7.22 -34.80
N VAL B 195 3.67 6.12 -34.07
CA VAL B 195 2.61 6.05 -33.06
C VAL B 195 2.74 7.19 -32.05
N ALA B 196 3.97 7.60 -31.72
CA ALA B 196 4.12 8.65 -30.71
C ALA B 196 3.35 9.88 -31.14
N SER B 197 3.47 10.21 -32.43
CA SER B 197 2.82 11.43 -32.95
C SER B 197 1.31 11.22 -32.98
N GLN B 198 0.88 10.04 -33.39
CA GLN B 198 -0.57 9.85 -33.46
C GLN B 198 -1.24 9.87 -32.08
N VAL B 199 -0.60 9.24 -31.09
CA VAL B 199 -1.14 9.25 -29.72
C VAL B 199 -1.13 10.66 -29.16
N TYR B 200 0.00 11.34 -29.24
CA TYR B 200 0.04 12.75 -28.75
C TYR B 200 -1.07 13.59 -29.45
N ASN B 201 -1.25 13.46 -30.76
CA ASN B 201 -2.28 14.25 -31.45
C ASN B 201 -3.69 13.93 -30.93
N VAL B 202 -3.98 12.65 -30.68
CA VAL B 202 -5.34 12.26 -30.27
C VAL B 202 -5.58 12.40 -28.76
N SER B 203 -4.53 12.56 -27.96
CA SER B 203 -4.68 12.39 -26.51
C SER B 203 -5.70 13.37 -25.90
N LYS B 204 -5.66 14.64 -26.31
CA LYS B 204 -6.52 15.62 -25.64
C LYS B 204 -8.00 15.42 -25.97
N SER B 205 -8.35 14.55 -26.92
CA SER B 205 -9.74 14.21 -27.18
C SER B 205 -10.18 12.90 -26.52
N VAL B 206 -9.27 12.22 -25.84
CA VAL B 206 -9.54 10.90 -25.25
C VAL B 206 -9.75 11.06 -23.74
N PRO B 207 -10.76 10.41 -23.16
CA PRO B 207 -10.98 10.56 -21.70
C PRO B 207 -9.73 10.27 -20.91
N TYR B 208 -9.39 11.18 -19.99
CA TYR B 208 -8.22 11.02 -19.14
C TYR B 208 -8.41 9.91 -18.07
N ILE B 209 -7.33 9.19 -17.79
CA ILE B 209 -7.24 8.29 -16.65
C ILE B 209 -5.84 8.36 -16.05
N LYS B 210 -5.75 8.20 -14.73
CA LYS B 210 -4.48 8.33 -14.01
C LYS B 210 -3.55 7.12 -14.15
N LEU B 211 -4.03 6.02 -14.74
CA LEU B 211 -3.21 4.85 -15.03
C LEU B 211 -2.71 4.96 -16.47
N GLU B 212 -1.39 5.12 -16.63
CA GLU B 212 -0.82 5.54 -17.91
C GLU B 212 -0.97 4.46 -18.99
N ASP B 213 -0.79 3.18 -18.63
CA ASP B 213 -0.89 2.15 -19.64
C ASP B 213 -2.34 2.03 -20.15
N VAL B 214 -3.32 2.17 -19.26
CA VAL B 214 -4.72 2.24 -19.69
C VAL B 214 -4.95 3.44 -20.59
N PHE B 215 -4.43 4.60 -20.22
CA PHE B 215 -4.67 5.77 -21.03
C PHE B 215 -4.13 5.56 -22.44
N VAL B 216 -2.90 5.06 -22.54
CA VAL B 216 -2.35 4.82 -23.87
C VAL B 216 -3.24 3.85 -24.64
N GLY B 217 -3.75 2.82 -23.95
CA GLY B 217 -4.70 1.90 -24.60
C GLY B 217 -5.93 2.59 -25.16
N LEU B 218 -6.50 3.54 -24.40
CA LEU B 218 -7.64 4.32 -24.91
C LEU B 218 -7.26 5.09 -26.17
N CYS B 219 -6.07 5.70 -26.17
CA CYS B 219 -5.64 6.45 -27.37
C CYS B 219 -5.51 5.52 -28.56
N LEU B 220 -4.85 4.37 -28.36
CA LEU B 220 -4.67 3.39 -29.45
C LEU B 220 -6.00 2.90 -29.98
N GLU B 221 -6.96 2.67 -29.09
CA GLU B 221 -8.29 2.27 -29.51
C GLU B 221 -8.94 3.34 -30.39
N ARG B 222 -8.83 4.62 -30.00
CA ARG B 222 -9.44 5.68 -30.80
C ARG B 222 -8.80 5.75 -32.19
N LEU B 223 -7.55 5.32 -32.30
CA LEU B 223 -6.81 5.40 -33.60
C LEU B 223 -6.93 4.11 -34.41
N ASN B 224 -7.63 3.09 -33.89
CA ASN B 224 -7.80 1.78 -34.57
C ASN B 224 -6.46 1.04 -34.73
N ILE B 225 -5.46 1.38 -33.91
CA ILE B 225 -4.15 0.66 -33.94
C ILE B 225 -4.33 -0.63 -33.11
N ARG B 226 -4.32 -1.78 -33.78
CA ARG B 226 -4.56 -3.07 -33.08
C ARG B 226 -3.30 -3.48 -32.31
N LEU B 227 -3.47 -4.00 -31.10
CA LEU B 227 -2.29 -4.49 -30.33
C LEU B 227 -1.73 -5.75 -31.00
N GLU B 228 -0.42 -5.90 -30.98
CA GLU B 228 0.22 -7.08 -31.60
C GLU B 228 1.24 -7.76 -30.69
N GLU B 229 1.22 -9.08 -30.64
CA GLU B 229 2.29 -9.82 -29.92
C GLU B 229 3.59 -9.70 -30.72
N LEU B 230 4.74 -9.50 -30.06
CA LEU B 230 6.01 -9.29 -30.77
C LEU B 230 6.58 -10.61 -31.34
N HIS B 231 6.18 -11.74 -30.76
CA HIS B 231 6.83 -12.99 -31.17
C HIS B 231 5.88 -14.16 -30.91
N SER B 232 6.23 -15.32 -31.47
CA SER B 232 5.43 -16.52 -31.25
C SER B 232 5.51 -16.99 -29.81
N GLN B 233 6.54 -16.61 -29.07
CA GLN B 233 6.74 -16.93 -27.66
C GLN B 233 6.57 -15.66 -26.83
N PRO B 234 6.09 -15.79 -25.59
CA PRO B 234 6.07 -14.62 -24.71
C PRO B 234 7.48 -14.06 -24.53
N THR B 235 7.57 -12.74 -24.52
CA THR B 235 8.84 -12.10 -24.32
C THR B 235 8.83 -10.95 -23.30
N PHE B 236 7.65 -10.46 -22.88
CA PHE B 236 7.55 -9.48 -21.79
C PHE B 236 6.99 -10.15 -20.54
N PHE B 237 7.62 -9.91 -19.37
CA PHE B 237 7.25 -10.61 -18.15
C PHE B 237 7.02 -9.65 -17.00
N PRO B 238 5.83 -9.02 -16.92
CA PRO B 238 5.51 -8.10 -15.81
C PRO B 238 5.52 -8.83 -14.47
N GLY B 239 5.25 -10.13 -14.48
CA GLY B 239 5.20 -10.89 -13.25
C GLY B 239 6.54 -11.36 -12.74
N GLY B 240 7.60 -11.22 -13.54
CA GLY B 240 8.93 -11.64 -13.17
C GLY B 240 9.24 -13.06 -13.60
N LEU B 241 10.50 -13.45 -13.42
CA LEU B 241 10.93 -14.79 -13.88
C LEU B 241 12.07 -15.36 -13.02
N ARG B 242 12.20 -16.68 -13.05
CA ARG B 242 13.37 -17.32 -12.41
C ARG B 242 14.56 -17.10 -13.37
N PHE B 243 15.65 -16.58 -12.85
CA PHE B 243 16.80 -16.24 -13.72
C PHE B 243 17.55 -17.47 -14.24
N SER B 244 17.98 -17.40 -15.51
CA SER B 244 18.83 -18.43 -16.15
C SER B 244 19.44 -17.67 -17.34
N VAL B 245 20.76 -17.76 -17.50
CA VAL B 245 21.43 -17.08 -18.63
C VAL B 245 20.70 -17.47 -19.91
N CYS B 246 20.36 -18.74 -20.06
CA CYS B 246 19.77 -19.16 -21.33
C CYS B 246 18.39 -18.58 -21.52
N LEU B 247 17.61 -18.47 -20.44
CA LEU B 247 16.28 -17.88 -20.57
C LEU B 247 16.39 -16.38 -20.87
N PHE B 248 17.24 -15.68 -20.14
CA PHE B 248 17.31 -14.22 -20.30
C PHE B 248 17.91 -13.84 -21.67
N ARG B 249 18.57 -14.79 -22.35
CA ARG B 249 19.12 -14.48 -23.70
C ARG B 249 17.97 -14.40 -24.72
N ARG B 250 16.80 -14.91 -24.37
CA ARG B 250 15.66 -14.96 -25.29
C ARG B 250 14.40 -14.39 -24.63
N ILE B 251 14.53 -13.27 -23.90
CA ILE B 251 13.37 -12.48 -23.51
C ILE B 251 13.71 -11.01 -23.76
N VAL B 252 12.68 -10.18 -23.75
CA VAL B 252 12.86 -8.75 -23.93
C VAL B 252 12.82 -7.99 -22.60
N ALA B 253 11.89 -8.30 -21.73
CA ALA B 253 11.68 -7.45 -20.55
C ALA B 253 11.26 -8.30 -19.37
N CYS B 254 11.86 -8.05 -18.21
CA CYS B 254 11.50 -8.77 -17.00
C CYS B 254 11.41 -7.78 -15.85
N HIS B 255 10.31 -7.89 -15.12
CA HIS B 255 10.02 -6.91 -14.05
C HIS B 255 10.39 -7.50 -12.68
N PHE B 256 10.33 -6.68 -11.62
CA PHE B 256 10.66 -7.12 -10.23
C PHE B 256 12.16 -7.40 -10.10
N ILE B 257 13.02 -6.54 -10.67
CA ILE B 257 14.50 -6.69 -10.55
C ILE B 257 15.09 -5.49 -9.80
N LYS B 258 15.67 -5.72 -8.63
CA LYS B 258 16.31 -4.64 -7.85
C LYS B 258 17.70 -4.33 -8.41
N PRO B 259 18.23 -3.10 -8.22
CA PRO B 259 19.56 -2.69 -8.76
C PRO B 259 20.62 -3.78 -8.64
N ARG B 260 20.87 -4.26 -7.42
CA ARG B 260 21.93 -5.27 -7.21
C ARG B 260 21.66 -6.50 -8.07
N THR B 261 20.42 -6.97 -8.07
CA THR B 261 20.07 -8.16 -8.85
C THR B 261 20.37 -7.87 -10.31
N LEU B 262 20.05 -6.67 -10.77
CA LEU B 262 20.26 -6.31 -12.19
C LEU B 262 21.76 -6.37 -12.49
N LEU B 263 22.56 -5.73 -11.64
CA LEU B 263 24.00 -5.81 -11.88
C LEU B 263 24.48 -7.25 -11.91
N ASP B 264 23.98 -8.08 -10.98
CA ASP B 264 24.34 -9.50 -10.97
C ASP B 264 23.90 -10.21 -12.25
N TYR B 265 22.71 -9.91 -12.76
CA TYR B 265 22.22 -10.57 -13.99
C TYR B 265 23.08 -10.08 -15.19
N TRP B 266 23.40 -8.80 -15.24
CA TRP B 266 24.25 -8.31 -16.34
C TRP B 266 25.62 -8.98 -16.28
N GLN B 267 26.19 -9.09 -15.08
CA GLN B 267 27.48 -9.76 -14.93
C GLN B 267 27.35 -11.23 -15.31
N ALA B 268 26.25 -11.87 -14.93
CA ALA B 268 26.06 -13.28 -15.33
C ALA B 268 26.08 -13.41 -16.85
N LEU B 269 25.45 -12.48 -17.57
CA LEU B 269 25.36 -12.59 -19.04
C LEU B 269 26.74 -12.36 -19.71
N GLU B 270 27.52 -11.42 -19.19
CA GLU B 270 28.87 -11.17 -19.72
C GLU B 270 29.76 -12.39 -19.41
N ASN B 271 29.72 -12.92 -18.20
CA ASN B 271 30.59 -14.07 -17.83
C ASN B 271 30.33 -15.26 -18.75
N SER B 272 29.12 -15.39 -19.31
CA SER B 272 28.73 -16.59 -20.09
C SER B 272 28.60 -16.32 -21.59
N ARG B 273 29.04 -15.15 -22.06
CA ARG B 273 28.85 -14.77 -23.49
C ARG B 273 29.30 -15.91 -24.42
N GLY B 274 30.35 -16.66 -24.07
CA GLY B 274 30.88 -17.67 -24.99
C GLY B 274 30.17 -18.99 -24.94
N GLU B 275 29.09 -19.09 -24.18
CA GLU B 275 28.46 -20.41 -24.02
C GLU B 275 27.30 -20.55 -25.00
N ASP B 276 26.95 -21.79 -25.34
CA ASP B 276 25.78 -22.01 -26.22
C ASP B 276 24.61 -22.55 -25.40
N CYS B 277 23.39 -22.30 -25.87
CA CYS B 277 22.19 -22.80 -25.17
C CYS B 277 21.38 -23.68 -26.13
N PRO B 278 20.61 -24.68 -25.64
CA PRO B 278 19.72 -25.52 -26.45
C PRO B 278 18.80 -24.71 -27.38
C1 NAG C . -3.85 16.10 16.64
C2 NAG C . -3.00 17.19 17.28
C3 NAG C . -3.23 18.52 16.58
C4 NAG C . -3.08 18.37 15.08
C5 NAG C . -3.98 17.23 14.58
C6 NAG C . -3.85 16.97 13.10
C7 NAG C . -2.42 17.31 19.68
C8 NAG C . -2.97 17.08 21.05
N2 NAG C . -3.31 17.33 18.69
O3 NAG C . -2.32 19.47 17.09
O4 NAG C . -3.46 19.59 14.46
O5 NAG C . -3.59 16.02 15.25
O6 NAG C . -2.53 16.56 12.78
O7 NAG C . -1.22 17.46 19.48
H1 NAG C . -4.80 16.33 16.75
H2 NAG C . -2.06 16.94 17.17
H3 NAG C . -4.16 18.81 16.78
H4 NAG C . -2.13 18.15 14.86
H5 NAG C . -4.91 17.44 14.80
H61 NAG C . -4.05 17.79 12.60
H62 NAG C . -4.49 16.28 12.84
H81 NAG C . -3.55 16.29 21.04
H82 NAG C . -3.50 17.85 21.32
H83 NAG C . -2.26 16.94 21.67
HN2 NAG C . -4.14 17.43 18.91
HO3 NAG C . -1.71 19.58 16.52
HO6 NAG C . -2.54 16.09 12.06
C1 NAG C . -2.47 20.18 13.68
C2 NAG C . -3.09 21.36 12.94
C3 NAG C . -2.01 22.14 12.20
C4 NAG C . -0.84 22.47 13.11
C5 NAG C . -0.32 21.19 13.77
C6 NAG C . 0.77 21.46 14.77
C7 NAG C . -5.33 20.54 12.31
C8 NAG C . -5.91 19.55 11.36
N2 NAG C . -4.11 20.98 11.99
O3 NAG C . -2.58 23.33 11.66
O4 NAG C . 0.20 23.05 12.34
O5 NAG C . -1.39 20.57 14.50
O6 NAG C . 2.04 21.52 14.14
O7 NAG C . -5.92 20.90 13.31
H1 NAG C . -2.16 19.52 13.01
H2 NAG C . -3.49 21.96 13.62
H3 NAG C . -1.68 21.57 11.46
H4 NAG C . -1.13 23.11 13.81
H5 NAG C . 0.00 20.58 13.08
H61 NAG C . 0.77 20.75 15.45
H62 NAG C . 0.60 22.31 15.22
H81 NAG C . -6.73 19.90 10.98
H82 NAG C . -6.12 18.72 11.84
H83 NAG C . -5.28 19.35 10.65
HN2 NAG C . -3.92 21.06 11.14
HO3 NAG C . -2.97 23.72 12.29
HO4 NAG C . 0.48 22.48 11.79
HO6 NAG C . 1.95 21.68 13.32
C1 NAG D . -28.06 -18.58 23.62
C2 NAG D . -28.37 -18.85 25.09
C3 NAG D . -28.25 -20.34 25.38
C4 NAG D . -29.06 -21.16 24.38
C5 NAG D . -28.67 -20.75 22.97
C6 NAG D . -29.40 -21.47 21.85
C7 NAG D . -27.81 -17.04 26.66
C8 NAG D . -26.68 -16.12 26.97
N2 NAG D . -27.49 -18.13 25.99
O3 NAG D . -28.67 -20.58 26.71
O4 NAG D . -28.78 -22.55 24.58
O5 NAG D . -28.95 -19.35 22.82
O6 NAG D . -30.74 -21.86 22.17
O7 NAG D . -28.96 -16.80 27.03
C1 FUC D . -31.74 -20.99 22.43
C2 FUC D . -32.99 -21.70 22.87
C3 FUC D . -34.17 -20.76 22.87
C4 FUC D . -33.70 -19.31 23.02
C5 FUC D . -32.80 -18.92 21.85
C6 FUC D . -33.56 -18.37 20.66
O2 FUC D . -32.79 -22.29 24.15
O3 FUC D . -34.93 -20.92 21.67
O4 FUC D . -34.82 -18.44 23.08
O5 FUC D . -32.07 -20.07 21.38
C1 NAG E . 0.53 16.40 -10.52
C2 NAG E . -0.16 16.50 -9.17
C3 NAG E . -0.90 17.82 -9.06
C4 NAG E . 0.00 19.00 -9.42
C5 NAG E . 0.74 18.75 -10.72
C6 NAG E . 1.79 19.79 -11.01
C7 NAG E . -1.20 14.73 -7.84
C8 NAG E . -2.28 13.69 -7.80
N2 NAG E . -1.08 15.40 -8.99
O3 NAG E . -1.40 17.94 -7.74
O4 NAG E . -0.85 20.14 -9.62
O5 NAG E . 1.43 17.49 -10.66
O6 NAG E . 2.79 19.78 -10.01
O7 NAG E . -0.48 14.97 -6.88
C1 NAG E . -1.14 21.03 -8.60
C2 NAG E . 0.10 21.52 -7.85
C3 NAG E . 0.48 22.90 -8.34
C4 NAG E . 0.14 23.05 -9.81
C5 NAG E . -1.37 22.99 -9.99
C6 NAG E . -1.79 22.50 -11.36
C7 NAG E . 0.73 21.17 -5.52
C8 NAG E . 0.45 19.89 -4.80
N2 NAG E . -0.17 21.52 -6.43
O3 NAG E . 1.86 23.13 -8.10
O4 NAG E . 0.63 24.29 -10.30
O5 NAG E . -1.96 22.10 -9.03
O6 NAG E . -2.87 21.57 -11.28
O7 NAG E . 1.73 21.85 -5.29
C1 NAG F . 8.88 -6.13 -44.61
C2 NAG F . 9.75 -7.17 -45.32
C3 NAG F . 9.67 -6.98 -46.82
C4 NAG F . 8.22 -6.92 -47.25
C5 NAG F . 7.52 -5.78 -46.53
C6 NAG F . 6.05 -5.65 -46.86
C7 NAG F . 11.84 -7.99 -44.24
C8 NAG F . 11.33 -9.40 -44.30
N2 NAG F . 11.14 -7.06 -44.90
O3 NAG F . 10.36 -8.04 -47.47
O4 NAG F . 8.19 -6.70 -48.66
O5 NAG F . 7.56 -6.03 -45.12
O6 NAG F . 5.39 -6.88 -46.59
O7 NAG F . 12.87 -7.70 -43.65
H1 NAG F . 9.32 -5.26 -44.65
H2 NAG F . 9.38 -8.05 -45.11
H3 NAG F . 10.11 -6.12 -47.05
H4 NAG F . 7.78 -7.77 -47.03
H5 NAG F . 7.98 -4.93 -46.73
H61 NAG F . 5.95 -5.43 -47.81
H62 NAG F . 5.67 -4.94 -46.33
H81 NAG F . 12.00 -10.00 -43.92
H82 NAG F . 11.17 -9.65 -45.22
H83 NAG F . 10.50 -9.47 -43.80
HN2 NAG F . 11.56 -6.32 -45.09
HO3 NAG F . 10.11 -8.76 -47.11
C1 NAG F . 7.25 -7.36 -49.43
C2 NAG F . 7.42 -7.00 -50.91
C3 NAG F . 6.37 -7.73 -51.73
C4 NAG F . 6.29 -9.21 -51.38
C5 NAG F . 6.21 -9.40 -49.87
C6 NAG F . 6.22 -10.85 -49.44
C7 NAG F . 8.33 -4.73 -51.00
C8 NAG F . 7.95 -3.28 -51.00
N2 NAG F . 7.32 -5.58 -51.13
O3 NAG F . 6.71 -7.55 -53.09
O4 NAG F . 5.12 -9.78 -51.94
O5 NAG F . 7.35 -8.76 -49.29
O6 NAG F . 7.24 -11.60 -50.10
O7 NAG F . 9.49 -5.08 -50.88
H1 NAG F . 6.35 -7.08 -49.16
H2 NAG F . 8.31 -7.32 -51.19
H3 NAG F . 5.49 -7.32 -51.56
H4 NAG F . 7.09 -9.67 -51.73
H5 NAG F . 5.39 -8.97 -49.54
H61 NAG F . 5.35 -11.26 -49.64
H62 NAG F . 6.37 -10.90 -48.48
H81 NAG F . 7.47 -3.06 -51.81
H82 NAG F . 8.76 -2.73 -50.95
H83 NAG F . 7.38 -3.09 -50.24
HN2 NAG F . 6.54 -5.25 -51.37
HO3 NAG F . 6.32 -6.87 -53.38
HO6 NAG F . 6.91 -12.01 -50.77
C1 BMA F . 5.34 -10.74 -52.91
C2 BMA F . 4.27 -11.78 -52.80
C3 BMA F . 4.39 -12.78 -53.90
C4 BMA F . 4.39 -12.08 -55.24
C5 BMA F . 5.49 -11.04 -55.27
C6 BMA F . 5.46 -10.20 -56.52
O2 BMA F . 2.98 -11.18 -52.82
O3 BMA F . 3.28 -13.66 -53.85
O4 BMA F . 4.60 -13.03 -56.27
O5 BMA F . 5.32 -10.13 -54.19
O6 BMA F . 4.16 -9.68 -56.73
H1 BMA F . 6.22 -11.17 -52.77
H2 BMA F . 4.39 -12.24 -51.93
H3 BMA F . 5.22 -13.30 -53.80
H4 BMA F . 3.51 -11.64 -55.37
H5 BMA F . 6.37 -11.49 -55.20
H61 BMA F . 5.73 -10.75 -57.29
H62 BMA F . 6.10 -9.46 -56.44
HO2 BMA F . 2.66 -11.19 -52.05
HO4 BMA F . 4.23 -12.76 -56.98
C1 MAN F . 3.39 -14.88 -53.18
C2 MAN F . 2.25 -15.73 -53.67
C3 MAN F . 0.93 -15.17 -53.20
C4 MAN F . 0.93 -14.97 -51.71
C5 MAN F . 2.13 -14.13 -51.27
C6 MAN F . 2.26 -14.04 -49.78
O2 MAN F . 2.45 -17.08 -53.24
O3 MAN F . -0.12 -16.06 -53.56
O4 MAN F . -0.26 -14.30 -51.33
O5 MAN F . 3.34 -14.73 -51.77
O6 MAN F . 3.49 -13.44 -49.39
H1 MAN F . 4.25 -15.29 -53.43
H2 MAN F . 2.27 -15.71 -54.66
H3 MAN F . 0.77 -14.30 -53.64
H4 MAN F . 0.97 -15.84 -51.26
H5 MAN F . 2.03 -13.23 -51.65
H61 MAN F . 2.20 -14.93 -49.39
H62 MAN F . 1.52 -13.50 -49.42
HO2 MAN F . 2.84 -17.07 -52.51
HO3 MAN F . 0.13 -16.85 -53.38
HO4 MAN F . -0.17 -13.48 -51.48
HO6 MAN F . 3.90 -13.17 -50.09
C1 MAN F . 4.04 -8.86 -57.87
C2 MAN F . 2.63 -8.31 -57.88
C3 MAN F . 1.61 -9.40 -58.10
C4 MAN F . 1.96 -10.20 -59.33
C5 MAN F . 3.39 -10.71 -59.26
C6 MAN F . 3.84 -11.36 -60.54
O2 MAN F . 2.54 -7.30 -58.87
O3 MAN F . 0.31 -8.84 -58.24
O4 MAN F . 1.08 -11.30 -59.43
O5 MAN F . 4.29 -9.63 -59.03
O6 MAN F . 4.05 -10.37 -61.54
H1 MAN F . 4.69 -8.12 -57.81
H2 MAN F . 2.47 -7.90 -57.00
H3 MAN F . 1.62 -10.01 -57.31
H4 MAN F . 1.86 -9.62 -60.13
H5 MAN F . 3.46 -11.36 -58.52
H61 MAN F . 3.16 -12.00 -60.85
H62 MAN F . 4.67 -11.85 -60.39
HO2 MAN F . 3.06 -7.49 -59.50
HO3 MAN F . 0.37 -8.16 -58.72
HO4 MAN F . 1.26 -11.85 -58.82
HO6 MAN F . 4.11 -9.61 -61.17
C1 FUC F . 4.11 -7.00 -47.16
C2 FUC F . 3.52 -8.32 -46.72
C3 FUC F . 3.52 -8.42 -45.20
C4 FUC F . 2.76 -7.24 -44.62
C5 FUC F . 3.37 -5.95 -45.15
C6 FUC F . 2.63 -4.72 -44.69
O2 FUC F . 4.22 -9.41 -47.30
O3 FUC F . 2.91 -9.65 -44.81
O4 FUC F . 1.40 -7.31 -45.02
O5 FUC F . 3.32 -5.96 -46.59
C1 NGA G . -7.34 4.65 38.04
C2 NGA G . -7.73 3.77 36.86
C3 NGA G . -8.40 4.77 35.93
C4 NGA G . -9.60 5.41 36.62
C5 NGA G . -9.15 6.09 37.91
C6 NGA G . -10.26 6.64 38.75
C7 NGA G . -6.51 1.79 36.04
C8 NGA G . -5.16 1.28 35.64
N2 NGA G . -6.60 3.10 36.26
O1 NGA G . -6.38 4.13 38.90
O3 NGA G . -8.74 4.18 34.68
O4 NGA G . -10.54 4.40 36.97
O5 NGA G . -8.49 5.09 38.72
O6 NGA G . -9.72 7.02 40.01
O7 NGA G . -7.47 1.03 36.16
C1 NAG G . -8.47 5.11 33.69
C2 NAG G . -8.39 4.32 32.37
C3 NAG G . -8.34 5.29 31.21
C4 NAG G . -9.49 6.28 31.29
C5 NAG G . -9.34 7.04 32.61
C6 NAG G . -10.39 8.10 32.85
C7 NAG G . -7.29 2.13 32.22
C8 NAG G . -5.98 1.42 32.24
N2 NAG G . -7.24 3.45 32.41
O3 NAG G . -8.37 4.57 29.99
O4 NAG G . -9.44 7.16 30.19
O5 NAG G . -9.49 6.09 33.68
O6 NAG G . -10.09 8.78 34.05
O7 NAG G . -8.35 1.54 32.05
H1 NAG G . -7.61 5.53 33.86
H2 NAG G . -9.22 3.81 32.30
H3 NAG G . -7.49 5.79 31.26
H4 NAG G . -10.35 5.79 31.28
H5 NAG G . -8.45 7.44 32.65
H61 NAG G . -11.27 7.68 32.92
H62 NAG G . -10.39 8.73 32.10
H81 NAG G . -5.36 1.91 32.79
H82 NAG G . -5.64 1.36 31.33
H83 NAG G . -6.11 0.53 32.60
HN2 NAG G . -6.47 3.80 32.56
HO3 NAG G . -7.90 4.98 29.42
HO4 NAG G . -9.20 6.74 29.50
HO6 NAG G . -9.56 8.32 34.51
C1 NGA H . -3.41 -7.58 -10.95
C2 NGA H . -2.50 -7.15 -12.10
C3 NGA H . -3.11 -5.87 -12.64
C4 NGA H . -4.51 -6.16 -13.18
C5 NGA H . -5.33 -6.86 -12.11
C6 NGA H . -6.65 -7.38 -12.60
C7 NGA H . -0.04 -7.53 -12.31
C8 NGA H . -0.22 -8.05 -13.69
N2 NGA H . -1.11 -6.96 -11.73
O1 NGA H . -2.87 -8.55 -10.07
O3 NGA H . -2.29 -5.26 -13.61
O4 NGA H . -4.40 -6.99 -14.33
O5 NGA H . -4.59 -8.00 -11.62
O6 NGA H . -7.38 -7.96 -11.53
O7 NGA H . 1.04 -7.59 -11.72
C1 NAG H . -2.25 -3.88 -13.46
C2 NAG H . -1.01 -3.34 -14.15
C3 NAG H . -0.99 -1.82 -14.03
C4 NAG H . -2.28 -1.26 -14.62
C5 NAG H . -3.43 -1.85 -13.82
C6 NAG H . -4.79 -1.38 -14.26
C7 NAG H . 1.19 -4.44 -14.23
C8 NAG H . 2.37 -4.87 -13.42
N2 NAG H . 0.16 -3.95 -13.54
O3 NAG H . 0.16 -1.29 -14.67
O4 NAG H . -2.29 0.17 -14.52
O5 NAG H . -3.41 -3.28 -14.01
O6 NAG H . -5.76 -1.88 -13.36
O7 NAG H . 1.16 -4.57 -15.45
MN MN I . -1.36 0.38 28.34
N1 UDP J . -0.56 4.94 21.75
C2 UDP J . -0.68 5.27 20.42
N3 UDP J . -0.11 6.46 20.05
C4 UDP J . 0.55 7.35 20.88
C5 UDP J . 0.63 6.94 22.24
C6 UDP J . 0.09 5.78 22.63
O2 UDP J . -1.26 4.56 19.61
O4 UDP J . 1.00 8.39 20.40
C1' UDP J . -1.16 3.67 22.18
C2' UDP J . -0.25 2.84 23.07
O2' UDP J . 0.50 1.99 22.24
C3' UDP J . -1.27 2.04 23.88
C4' UDP J . -2.40 3.06 24.08
O4' UDP J . -2.31 3.97 22.94
O3' UDP J . -1.74 0.90 23.18
C5' UDP J . -2.37 3.85 25.36
O5' UDP J . -1.00 4.19 25.68
PA UDP J . -0.45 3.73 27.10
O1A UDP J . 0.74 4.55 27.45
O2A UDP J . -0.26 2.26 27.08
O3A UDP J . -1.70 4.16 28.02
PB UDP J . -2.49 3.75 29.36
O1B UDP J . -1.73 4.38 30.48
O2B UDP J . -3.87 4.32 29.20
O3B UDP J . -2.54 2.27 29.49
C1 B3P K . -24.05 16.43 32.18
C2 B3P K . -23.25 15.15 32.54
C3 B3P K . -24.09 16.75 30.64
N1 B3P K . -24.92 15.75 29.92
C4 B3P K . -25.11 15.98 28.46
C5 B3P K . -25.93 17.26 28.13
C6 B3P K . -25.89 14.75 27.98
C7 B3P K . -23.80 16.13 27.71
N2 B3P K . -23.96 14.00 32.04
C8 B3P K . -23.15 12.76 32.11
C9 B3P K . -24.20 11.63 32.09
C10 B3P K . -22.33 12.66 33.40
C11 B3P K . -22.26 12.65 30.85
O1 B3P K . -23.46 10.44 32.12
O2 B3P K . -23.08 12.80 34.60
O3 B3P K . -23.03 12.99 29.70
O4 B3P K . -27.15 17.26 28.83
O5 B3P K . -26.24 14.93 26.64
O6 B3P K . -22.96 15.02 28.05
H11 B3P K . -23.66 17.19 32.64
H12 B3P K . -24.97 16.32 32.49
H21 B3P K . -23.15 15.09 33.50
H22 B3P K . -22.37 15.20 32.12
H31 B3P K . -24.45 17.64 30.49
H32 B3P K . -23.19 16.72 30.28
HN1 B3P K . -25.73 15.78 30.30
H51 B3P K . -25.42 18.03 28.40
H52 B3P K . -26.11 17.28 27.18
H61 B3P K . -26.69 14.65 28.51
H62 B3P K . -25.34 13.97 28.07
H71 B3P K . -23.96 16.14 26.76
H72 B3P K . -23.37 16.96 27.99
HN2 B3P K . -24.68 13.87 32.55
H91 B3P K . -24.72 11.68 31.28
H92 B3P K . -24.78 11.69 32.87
H101 B3P K . -21.89 11.80 33.41
H102 B3P K . -21.67 13.37 33.39
H111 B3P K . -21.51 13.27 30.92
H112 B3P K . -21.93 11.75 30.76
HO1 B3P K . -23.17 10.25 31.34
HO2 B3P K . -23.74 12.25 34.60
HO3 B3P K . -23.19 12.28 29.25
HO4 B3P K . -27.02 17.34 29.67
HO5 B3P K . -27.05 14.68 26.51
HO6 B3P K . -22.37 15.29 28.59
C1 PEG L . -5.02 5.33 -0.52
O1 PEG L . -6.29 5.69 -0.05
C2 PEG L . -4.77 3.87 -0.43
O2 PEG L . -3.71 3.63 0.49
C3 PEG L . -2.65 2.86 -0.08
C4 PEG L . -2.81 1.42 0.30
O4 PEG L . -2.41 1.19 1.63
C1 PEG M . -3.76 -19.81 24.01
O1 PEG M . -3.31 -19.83 22.68
C2 PEG M . -4.81 -20.84 24.28
O2 PEG M . -6.00 -20.23 24.74
C3 PEG M . -6.78 -21.10 25.54
C4 PEG M . -8.23 -20.89 25.25
O4 PEG M . -8.94 -20.39 26.37
N THR N . -4.79 2.53 39.96
CA THR N . -4.56 3.61 38.97
C THR N . -3.10 3.82 38.72
O THR N . -2.27 3.42 39.52
CB THR N . -5.23 4.91 39.43
CG2 THR N . -4.43 6.16 39.16
OXT THR N . -2.80 4.40 37.68
MN MN O . 6.93 -2.11 -10.99
N1 UDP P . 7.63 5.97 -10.79
C2 UDP P . 7.95 7.29 -11.05
N3 UDP P . 7.45 8.19 -10.15
C4 UDP P . 6.66 7.91 -9.04
C5 UDP P . 6.37 6.52 -8.85
C6 UDP P . 6.85 5.62 -9.71
O2 UDP P . 8.63 7.64 -12.00
O4 UDP P . 6.28 8.84 -8.33
C1' UDP P . 8.15 4.96 -11.73
C2' UDP P . 8.91 3.84 -11.02
O2' UDP P . 10.29 4.17 -11.04
C3' UDP P . 8.61 2.64 -11.91
C4' UDP P . 7.20 2.92 -12.43
O4' UDP P . 7.05 4.36 -12.39
O3' UDP P . 9.56 2.57 -12.97
C5' UDP P . 6.08 2.27 -11.65
O5' UDP P . 6.40 2.33 -10.25
PA UDP P . 6.44 0.97 -9.41
O1A UDP P . 5.67 1.16 -8.14
O2A UDP P . 7.85 0.48 -9.33
O3A UDP P . 5.60 0.02 -10.38
PB UDP P . 4.49 -1.13 -10.14
O1B UDP P . 4.64 -1.57 -8.72
O2B UDP P . 3.17 -0.46 -10.41
O3B UDP P . 4.78 -2.22 -11.13
C1 B3P Q . -17.28 2.67 -23.41
C2 B3P Q . -16.12 1.68 -23.09
C3 B3P Q . -16.80 4.11 -23.79
N1 B3P Q . -16.09 4.05 -25.09
C4 B3P Q . -15.61 5.36 -25.62
C5 B3P Q . -14.63 6.07 -24.67
C6 B3P Q . -16.77 6.31 -25.86
C7 B3P Q . -14.86 5.02 -26.95
N2 B3P Q . -15.41 1.31 -24.33
C8 B3P Q . -14.13 0.58 -24.09
C9 B3P Q . -14.24 -0.41 -22.92
C10 B3P Q . -13.80 -0.20 -25.35
C11 B3P Q . -13.03 1.60 -23.78
O1 B3P Q . -15.37 -1.23 -23.06
O2 B3P Q . -12.66 -0.99 -25.11
O3 B3P Q . -13.17 2.72 -24.62
O4 B3P Q . -13.39 5.38 -24.55
O5 B3P Q . -17.58 5.84 -26.91
O6 B3P Q . -14.59 6.19 -27.70
H11 B3P Q . -17.85 2.75 -22.63
H12 B3P Q . -17.80 2.32 -24.15
H21 B3P Q . -16.48 0.88 -22.68
H22 B3P Q . -15.49 2.09 -22.48
H31 B3P Q . -17.56 4.70 -23.86
H32 B3P Q . -16.20 4.45 -23.10
HN1 B3P Q . -15.36 3.54 -24.95
H51 B3P Q . -14.45 6.96 -25.01
H52 B3P Q . -15.03 6.13 -23.80
H61 B3P Q . -16.43 7.19 -26.08
H62 B3P Q . -17.31 6.36 -25.05
H71 B3P Q . -14.02 4.59 -26.73
H72 B3P Q . -15.41 4.42 -27.48
HN2 B3P Q . -15.94 0.77 -24.81
H91 B3P Q . -14.31 0.09 -22.08
H92 B3P Q . -13.44 -0.96 -22.90
H101 B3P Q . -14.55 -0.77 -25.59
H102 B3P Q . -13.62 0.41 -26.09
H111 B3P Q . -13.09 1.87 -22.85
H112 B3P Q . -12.16 1.19 -23.94
HO1 B3P Q . -15.86 -0.92 -23.68
HO2 B3P Q . -11.96 -0.50 -25.11
HO3 B3P Q . -12.46 3.18 -24.63
HO4 B3P Q . -13.52 4.66 -24.13
HO5 B3P Q . -18.04 6.49 -27.24
HO6 B3P Q . -14.38 5.97 -28.50
N THR R . -0.45 -7.82 -8.68
CA THR R . -1.30 -8.99 -8.37
C THR R . -0.91 -10.15 -9.23
O THR R . 0.26 -10.29 -9.59
CB THR R . -2.73 -8.67 -8.71
CG2 THR R . -3.35 -7.69 -7.74
OXT THR R . -1.82 -10.94 -9.54
#